data_4URM
#
_entry.id   4URM
#
_cell.length_a   69.280
_cell.length_b   75.550
_cell.length_c   90.450
_cell.angle_alpha   90.00
_cell.angle_beta   90.04
_cell.angle_gamma   90.00
#
_symmetry.space_group_name_H-M   'P 1 21 1'
#
loop_
_entity.id
_entity.type
_entity.pdbx_description
1 polymer 'DNA GYRASE SUBUNIT B'
2 non-polymer '(1R,4aS,5S,6S,8aR)-5-{[(5S)-1-(3-O-acetyl-4-O-carbamoyl-6-deoxy-2-O-methyl-alpha-L-talopyranosyl)-4-hydroxy-2-oxo-5-(propan-2-yl)-2,5-dihydro-1H-pyrrol-3-yl]carbonyl}-6-methyl-4-methylidene-1,2,3,4,4a,5,6,8a-octahydronaphthalen-1-yl 2,6-dideoxy-3-C-[(1S)-1-{[(3,4-dichloro-5-methyl-1H-pyrrol-2-yl)carbonyl]amino}ethyl]-beta-D-ribo-hexopyranoside'
3 water water
#
_entity_poly.entity_id   1
_entity_poly.type   'polypeptide(L)'
_entity_poly.pdbx_seq_one_letter_code
;MVTALSDVNNTDNYGAGQIQVLEGLEAARKRPGMYIGSTSERGLHHLVWEIVDNSIDEALAGYANQIEVVIEKDNWIKVT
DNGRGIPVDIQEKMGRPAVEVILTVLHAGGKFGGGGYKVSGGLHGVGSSVVNALSQDLEVYVHRNETIYHQAYKKGVPQF
DLKEVGTTDKTGTVIRFKADGEIFTETTVYNYETLQQRIRELAFLNKGIQITLRDERDEENVREDSYHYEG
;
_entity_poly.pdbx_strand_id   A,B,C,D
#
loop_
_chem_comp.id
_chem_comp.type
_chem_comp.name
_chem_comp.formula
XAM non-polymer '(1R,4aS,5S,6S,8aR)-5-{[(5S)-1-(3-O-acetyl-4-O-carbamoyl-6-deoxy-2-O-methyl-alpha-L-talopyranosyl)-4-hydroxy-2-oxo-5-(propan-2-yl)-2,5-dihydro-1H-pyrrol-3-yl]carbonyl}-6-methyl-4-methylidene-1,2,3,4,4a,5,6,8a-octahydronaphthalen-1-yl 2,6-dideoxy-3-C-[(1S)-1-{[(3,4-dichloro-5-methyl-1H-pyrrol-2-yl)carbonyl]amino}ethyl]-beta-D-ribo-hexopyranoside' 'C44 H60 Cl2 N4 O14'
#
# COMPACT_ATOMS: atom_id res chain seq x y z
N LEU A 25 8.64 8.82 43.50
CA LEU A 25 7.63 7.79 43.27
C LEU A 25 6.44 8.38 42.48
N GLU A 26 5.60 9.20 43.15
CA GLU A 26 4.43 9.90 42.58
C GLU A 26 4.89 11.22 41.93
N ALA A 27 6.20 11.54 42.05
CA ALA A 27 6.84 12.73 41.45
C ALA A 27 6.77 12.64 39.93
N ALA A 28 6.99 11.42 39.40
CA ALA A 28 6.94 11.11 37.97
C ALA A 28 5.49 11.22 37.48
N ARG A 29 4.53 10.85 38.33
CA ARG A 29 3.11 10.90 38.06
C ARG A 29 2.58 12.33 38.08
N LYS A 30 3.09 13.16 39.01
CA LYS A 30 2.70 14.56 39.16
C LYS A 30 3.40 15.49 38.14
N ARG A 31 4.69 15.21 37.83
CA ARG A 31 5.48 15.98 36.87
C ARG A 31 5.94 15.10 35.63
N PRO A 32 4.99 14.44 34.87
CA PRO A 32 5.40 13.59 33.73
C PRO A 32 6.31 14.23 32.69
N GLY A 33 6.06 15.49 32.31
CA GLY A 33 6.88 16.23 31.35
C GLY A 33 8.31 16.31 31.86
N MET A 34 8.46 16.61 33.17
CA MET A 34 9.75 16.70 33.87
C MET A 34 10.41 15.34 34.04
N TYR A 35 9.91 14.32 33.31
CA TYR A 35 10.42 12.94 33.39
C TYR A 35 10.44 12.17 32.07
N ILE A 36 9.56 12.53 31.13
CA ILE A 36 9.45 11.85 29.84
C ILE A 36 9.22 12.86 28.68
N GLY A 37 9.31 14.15 28.98
CA GLY A 37 9.14 15.22 28.01
C GLY A 37 7.71 15.64 27.70
N SER A 38 6.95 14.73 27.07
CA SER A 38 5.58 14.98 26.65
C SER A 38 4.62 13.96 27.22
N THR A 39 3.34 14.31 27.28
CA THR A 39 2.29 13.43 27.75
C THR A 39 1.39 13.08 26.53
N SER A 40 1.85 13.47 25.32
CA SER A 40 1.19 13.22 24.03
C SER A 40 1.85 11.97 23.39
N GLU A 41 1.70 11.77 22.05
CA GLU A 41 2.30 10.65 21.29
C GLU A 41 3.80 10.52 21.61
N ARG A 42 4.54 11.63 21.66
CA ARG A 42 5.97 11.64 21.98
C ARG A 42 6.29 10.92 23.30
N GLY A 43 5.49 11.21 24.34
CA GLY A 43 5.68 10.59 25.65
C GLY A 43 5.31 9.13 25.73
N LEU A 44 4.25 8.72 24.96
CA LEU A 44 3.73 7.35 24.88
C LEU A 44 4.80 6.47 24.22
N HIS A 45 5.31 6.87 23.07
CA HIS A 45 6.33 6.13 22.37
C HIS A 45 7.64 6.12 23.16
N HIS A 46 7.83 7.11 24.07
CA HIS A 46 9.03 7.22 24.89
C HIS A 46 9.08 6.17 25.97
N LEU A 47 7.91 5.59 26.34
CA LEU A 47 7.79 4.54 27.35
C LEU A 47 8.44 3.30 26.80
N VAL A 48 8.23 3.06 25.50
CA VAL A 48 8.81 1.94 24.75
C VAL A 48 10.33 2.15 24.64
N TRP A 49 10.79 3.42 24.54
CA TRP A 49 12.21 3.73 24.45
C TRP A 49 12.96 3.37 25.71
N GLU A 50 12.48 3.80 26.90
CA GLU A 50 13.20 3.52 28.13
C GLU A 50 13.32 2.04 28.44
N ILE A 51 12.29 1.21 28.13
CA ILE A 51 12.40 -0.22 28.38
C ILE A 51 13.41 -0.85 27.39
N VAL A 52 13.44 -0.39 26.12
CA VAL A 52 14.33 -0.96 25.10
C VAL A 52 15.76 -0.59 25.40
N ASP A 53 16.01 0.62 25.92
CA ASP A 53 17.37 1.06 26.24
C ASP A 53 18.00 0.23 27.34
N ASN A 54 17.12 -0.39 28.16
CA ASN A 54 17.49 -1.27 29.25
C ASN A 54 18.02 -2.56 28.69
N SER A 55 17.39 -3.05 27.62
CA SER A 55 17.78 -4.26 26.94
C SER A 55 19.02 -4.02 26.13
N ILE A 56 19.18 -2.80 25.52
CA ILE A 56 20.37 -2.44 24.74
C ILE A 56 21.57 -2.41 25.71
N ASP A 57 21.34 -1.88 26.95
CA ASP A 57 22.36 -1.80 28.01
C ASP A 57 22.96 -3.16 28.27
N GLU A 58 22.09 -4.16 28.53
CA GLU A 58 22.43 -5.57 28.79
C GLU A 58 23.16 -6.18 27.59
N ALA A 59 22.74 -5.79 26.38
CA ALA A 59 23.30 -6.27 25.13
C ALA A 59 24.71 -5.72 24.93
N LEU A 60 24.94 -4.47 25.24
CA LEU A 60 26.27 -3.94 25.12
C LEU A 60 27.24 -4.40 26.17
N ALA A 61 26.77 -5.07 27.19
CA ALA A 61 27.62 -5.68 28.21
C ALA A 61 28.06 -7.08 27.75
N GLY A 62 27.41 -7.57 26.67
CA GLY A 62 27.67 -8.83 26.00
C GLY A 62 26.85 -10.02 26.43
N TYR A 63 25.63 -9.80 26.96
CA TYR A 63 24.76 -10.84 27.49
C TYR A 63 23.49 -11.14 26.65
N ALA A 64 22.95 -10.13 25.98
CA ALA A 64 21.78 -10.26 25.14
C ALA A 64 22.13 -9.88 23.70
N ASN A 65 21.52 -10.55 22.73
CA ASN A 65 21.80 -10.24 21.34
C ASN A 65 20.51 -10.17 20.53
N GLN A 66 19.37 -10.30 21.24
CA GLN A 66 18.00 -10.32 20.74
C GLN A 66 17.06 -9.54 21.63
N ILE A 67 16.38 -8.57 21.03
CA ILE A 67 15.35 -7.76 21.68
C ILE A 67 14.12 -7.91 20.79
N GLU A 68 12.93 -7.95 21.42
CA GLU A 68 11.65 -8.07 20.73
C GLU A 68 10.70 -7.10 21.39
N VAL A 69 10.03 -6.28 20.57
CA VAL A 69 9.06 -5.26 20.95
C VAL A 69 7.76 -5.62 20.23
N VAL A 70 6.75 -6.06 21.00
CA VAL A 70 5.41 -6.44 20.51
C VAL A 70 4.32 -5.43 20.96
N ILE A 71 3.46 -4.99 20.00
CA ILE A 71 2.33 -4.08 20.28
C ILE A 71 1.16 -5.08 20.38
N GLU A 72 0.71 -5.41 21.60
CA GLU A 72 -0.35 -6.40 21.77
C GLU A 72 -1.75 -5.85 21.73
N LYS A 73 -2.75 -6.74 21.85
CA LYS A 73 -4.15 -6.34 21.88
C LYS A 73 -4.35 -5.26 22.99
N ASP A 74 -5.26 -4.30 22.73
CA ASP A 74 -5.62 -3.15 23.59
C ASP A 74 -4.38 -2.23 23.87
N ASN A 75 -3.42 -2.15 22.90
CA ASN A 75 -2.21 -1.32 22.94
C ASN A 75 -1.36 -1.54 24.19
N TRP A 76 -1.06 -2.82 24.41
CA TRP A 76 -0.19 -3.21 25.51
C TRP A 76 1.17 -3.34 24.82
N ILE A 77 2.25 -3.23 25.59
CA ILE A 77 3.58 -3.37 25.00
C ILE A 77 4.27 -4.52 25.67
N LYS A 78 4.90 -5.38 24.86
CA LYS A 78 5.67 -6.47 25.44
C LYS A 78 7.10 -6.40 24.97
N VAL A 79 8.07 -6.08 25.87
CA VAL A 79 9.52 -6.03 25.55
C VAL A 79 10.22 -7.27 26.16
N THR A 80 10.94 -8.03 25.31
CA THR A 80 11.67 -9.26 25.64
C THR A 80 13.13 -9.29 25.18
N ASP A 81 14.05 -9.51 26.11
CA ASP A 81 15.46 -9.68 25.75
C ASP A 81 15.89 -11.06 26.24
N ASN A 82 17.01 -11.57 25.70
CA ASN A 82 17.61 -12.85 26.05
C ASN A 82 18.76 -12.66 27.03
N GLY A 83 18.65 -11.64 27.88
CA GLY A 83 19.63 -11.29 28.88
C GLY A 83 19.71 -12.28 30.03
N ARG A 84 20.46 -11.91 31.05
CA ARG A 84 20.68 -12.71 32.23
C ARG A 84 19.47 -12.69 33.14
N GLY A 85 18.53 -11.79 32.86
CA GLY A 85 17.36 -11.60 33.69
C GLY A 85 17.72 -10.64 34.81
N ILE A 86 16.88 -9.61 35.09
CA ILE A 86 17.11 -8.63 36.15
C ILE A 86 17.31 -9.40 37.45
N PRO A 87 18.32 -9.08 38.30
CA PRO A 87 18.49 -9.88 39.53
C PRO A 87 17.21 -9.93 40.34
N VAL A 88 16.87 -11.14 40.72
CA VAL A 88 15.69 -11.51 41.49
C VAL A 88 16.03 -11.57 43.00
N ASP A 89 17.32 -11.79 43.33
CA ASP A 89 17.88 -11.89 44.67
C ASP A 89 17.74 -10.59 45.44
N ILE A 90 17.26 -10.70 46.69
CA ILE A 90 17.01 -9.66 47.68
C ILE A 90 18.17 -8.66 47.78
N GLN A 91 17.85 -7.38 47.85
CA GLN A 91 18.83 -6.31 48.01
C GLN A 91 19.12 -6.31 49.52
N GLU A 92 20.33 -6.75 49.93
CA GLU A 92 20.72 -6.81 51.35
C GLU A 92 20.56 -5.47 52.10
N LYS A 93 20.32 -4.35 51.36
CA LYS A 93 20.14 -3.00 51.90
C LYS A 93 18.67 -2.51 51.94
N MET A 94 17.80 -3.03 51.06
CA MET A 94 16.40 -2.63 50.97
C MET A 94 15.43 -3.76 51.36
N GLY A 95 15.94 -4.99 51.37
CA GLY A 95 15.19 -6.19 51.73
C GLY A 95 14.32 -6.74 50.62
N ARG A 96 13.91 -5.89 49.68
CA ARG A 96 13.05 -6.29 48.56
C ARG A 96 13.88 -6.91 47.43
N PRO A 97 13.33 -7.79 46.56
CA PRO A 97 14.13 -8.36 45.46
C PRO A 97 14.61 -7.24 44.51
N ALA A 98 15.82 -7.40 43.96
CA ALA A 98 16.42 -6.40 43.08
C ALA A 98 15.51 -5.95 41.93
N VAL A 99 14.75 -6.88 41.29
CA VAL A 99 13.80 -6.58 40.19
C VAL A 99 12.66 -5.65 40.68
N GLU A 100 12.24 -5.84 41.93
CA GLU A 100 11.20 -5.01 42.51
C GLU A 100 11.77 -3.60 42.68
N VAL A 101 13.05 -3.50 43.12
CA VAL A 101 13.79 -2.23 43.36
C VAL A 101 13.87 -1.33 42.10
N ILE A 102 14.54 -1.76 40.99
CA ILE A 102 14.62 -0.89 39.78
C ILE A 102 13.26 -0.41 39.28
N LEU A 103 12.23 -1.30 39.33
CA LEU A 103 10.88 -1.03 38.86
C LEU A 103 10.08 -0.11 39.77
N THR A 104 10.42 -0.06 41.09
CA THR A 104 9.72 0.77 42.09
C THR A 104 10.49 2.01 42.56
N VAL A 105 11.77 1.88 42.96
CA VAL A 105 12.56 3.04 43.39
C VAL A 105 12.86 3.90 42.17
N LEU A 106 12.51 5.19 42.24
CA LEU A 106 12.73 6.12 41.13
C LEU A 106 14.20 6.25 40.81
N HIS A 107 14.49 6.36 39.51
CA HIS A 107 15.81 6.52 38.90
C HIS A 107 16.84 5.43 39.20
N ALA A 108 16.46 4.33 39.87
CA ALA A 108 17.39 3.24 40.24
C ALA A 108 18.26 2.67 39.06
N GLY A 109 19.57 2.71 39.26
CA GLY A 109 20.57 2.23 38.33
C GLY A 109 21.05 3.21 37.29
N GLY A 110 21.23 4.47 37.66
CA GLY A 110 21.71 5.47 36.73
C GLY A 110 21.84 6.85 37.32
N LYS A 111 21.43 7.90 36.54
CA LYS A 111 21.46 9.32 36.94
C LYS A 111 20.46 10.19 36.13
N GLY A 125 17.74 9.15 29.12
CA GLY A 125 17.79 7.98 29.99
C GLY A 125 17.36 8.29 31.42
N VAL A 126 16.11 7.89 31.79
CA VAL A 126 15.52 8.19 33.11
C VAL A 126 15.27 6.94 34.02
N GLY A 127 14.83 5.80 33.44
CA GLY A 127 14.59 4.59 34.20
C GLY A 127 13.29 3.84 33.94
N SER A 128 13.32 2.50 34.04
CA SER A 128 12.17 1.63 33.84
C SER A 128 11.06 1.88 34.89
N SER A 129 11.43 2.49 36.02
CA SER A 129 10.54 2.85 37.14
C SER A 129 9.57 3.94 36.74
N VAL A 130 10.00 4.88 35.86
CA VAL A 130 9.15 5.97 35.41
C VAL A 130 8.11 5.40 34.47
N VAL A 131 8.53 4.42 33.62
CA VAL A 131 7.65 3.70 32.69
C VAL A 131 6.65 2.94 33.56
N ASN A 132 7.04 2.54 34.77
CA ASN A 132 6.16 1.86 35.70
C ASN A 132 5.12 2.85 36.21
N ALA A 133 5.54 3.87 36.98
CA ALA A 133 4.65 4.87 37.55
C ALA A 133 3.73 5.50 36.52
N LEU A 134 4.20 5.63 35.27
CA LEU A 134 3.40 6.17 34.18
C LEU A 134 2.48 5.15 33.45
N SER A 135 2.33 3.90 33.99
CA SER A 135 1.48 2.85 33.41
C SER A 135 0.36 2.42 34.36
N GLN A 136 -0.88 2.27 33.85
CA GLN A 136 -2.00 1.80 34.69
C GLN A 136 -1.77 0.33 35.13
N ASP A 137 -1.08 -0.45 34.30
CA ASP A 137 -0.73 -1.84 34.56
C ASP A 137 0.66 -2.21 34.05
N LEU A 138 1.40 -3.00 34.83
CA LEU A 138 2.73 -3.44 34.44
C LEU A 138 3.08 -4.84 34.99
N GLU A 139 3.62 -5.68 34.13
CA GLU A 139 4.02 -7.01 34.48
C GLU A 139 5.50 -7.21 34.22
N VAL A 140 6.13 -8.10 34.99
CA VAL A 140 7.55 -8.44 34.86
C VAL A 140 7.72 -9.98 34.97
N TYR A 141 8.44 -10.55 34.00
CA TYR A 141 8.73 -11.98 33.92
C TYR A 141 10.22 -12.15 33.67
N VAL A 142 10.98 -12.39 34.76
CA VAL A 142 12.41 -12.65 34.70
C VAL A 142 12.63 -14.17 34.55
N HIS A 143 13.44 -14.58 33.57
CA HIS A 143 13.83 -15.96 33.33
C HIS A 143 15.29 -16.07 33.83
N ARG A 144 15.43 -16.80 34.94
CA ARG A 144 16.67 -17.02 35.67
C ARG A 144 16.46 -18.28 36.52
N ASN A 145 17.53 -19.08 36.71
CA ASN A 145 17.57 -20.31 37.52
C ASN A 145 16.54 -21.33 37.07
N GLU A 146 16.45 -21.50 35.73
CA GLU A 146 15.50 -22.38 35.03
C GLU A 146 14.04 -22.20 35.49
N THR A 147 13.70 -21.02 36.10
CA THR A 147 12.36 -20.65 36.63
C THR A 147 11.89 -19.25 36.17
N ILE A 148 10.57 -18.94 36.25
CA ILE A 148 10.02 -17.63 35.86
C ILE A 148 9.57 -16.80 37.06
N TYR A 149 10.25 -15.72 37.39
CA TYR A 149 9.80 -14.90 38.52
C TYR A 149 8.90 -13.82 37.96
N HIS A 150 7.73 -13.66 38.57
CA HIS A 150 6.76 -12.67 38.12
C HIS A 150 6.31 -11.74 39.25
N GLN A 151 5.92 -10.53 38.85
CA GLN A 151 5.37 -9.50 39.72
C GLN A 151 4.61 -8.53 38.87
N ALA A 152 3.55 -7.94 39.42
CA ALA A 152 2.74 -6.97 38.70
C ALA A 152 2.52 -5.70 39.53
N TYR A 153 2.40 -4.59 38.84
CA TYR A 153 2.27 -3.24 39.36
C TYR A 153 1.05 -2.56 38.75
N LYS A 154 0.56 -1.51 39.41
CA LYS A 154 -0.59 -0.68 39.02
C LYS A 154 -0.17 0.71 39.47
N LYS A 155 0.07 1.64 38.51
CA LYS A 155 0.55 3.01 38.82
C LYS A 155 1.85 2.91 39.70
N GLY A 156 2.73 1.97 39.36
CA GLY A 156 3.99 1.73 40.08
C GLY A 156 3.87 0.79 41.27
N VAL A 157 2.72 0.86 41.96
CA VAL A 157 2.42 0.08 43.17
C VAL A 157 2.39 -1.43 42.92
N PRO A 158 3.29 -2.22 43.55
CA PRO A 158 3.24 -3.69 43.39
C PRO A 158 1.91 -4.27 43.89
N GLN A 159 1.23 -5.10 43.07
CA GLN A 159 -0.03 -5.72 43.43
C GLN A 159 0.13 -6.87 44.39
N PHE A 160 1.34 -7.46 44.42
CA PHE A 160 1.75 -8.60 45.23
C PHE A 160 3.28 -8.76 45.18
N ASP A 161 3.84 -9.61 46.06
CA ASP A 161 5.27 -9.90 46.14
C ASP A 161 5.71 -10.89 45.08
N LEU A 162 6.95 -10.73 44.58
CA LEU A 162 7.54 -11.59 43.56
C LEU A 162 7.27 -13.06 43.85
N LYS A 163 6.61 -13.75 42.92
CA LYS A 163 6.19 -15.16 42.99
C LYS A 163 6.84 -15.96 41.85
N GLU A 164 7.09 -17.26 42.03
CA GLU A 164 7.66 -18.11 40.97
C GLU A 164 6.43 -18.67 40.26
N VAL A 165 6.36 -18.60 38.93
CA VAL A 165 5.12 -18.99 38.22
C VAL A 165 5.30 -20.03 37.06
N GLY A 166 6.47 -20.65 36.97
CA GLY A 166 6.74 -21.65 35.95
C GLY A 166 8.22 -21.95 35.86
N THR A 167 8.58 -22.92 35.03
CA THR A 167 9.97 -23.26 34.83
C THR A 167 10.33 -22.94 33.37
N THR A 168 11.61 -22.66 33.09
CA THR A 168 12.05 -22.25 31.76
C THR A 168 13.45 -22.75 31.34
N ASP A 169 13.64 -22.99 30.02
CA ASP A 169 14.93 -23.41 29.47
C ASP A 169 15.82 -22.15 29.30
N LYS A 170 15.21 -21.07 28.77
CA LYS A 170 15.75 -19.76 28.44
C LYS A 170 16.02 -18.83 29.63
N THR A 171 16.80 -17.74 29.37
CA THR A 171 17.16 -16.65 30.30
C THR A 171 16.76 -15.32 29.65
N GLY A 172 16.41 -14.34 30.47
CA GLY A 172 16.04 -13.02 30.02
C GLY A 172 15.02 -12.28 30.86
N THR A 173 14.60 -11.13 30.36
CA THR A 173 13.58 -10.30 31.00
C THR A 173 12.43 -10.08 30.01
N VAL A 174 11.23 -9.84 30.54
CA VAL A 174 9.99 -9.59 29.81
C VAL A 174 9.21 -8.53 30.57
N ILE A 175 8.78 -7.48 29.87
CA ILE A 175 8.01 -6.38 30.46
C ILE A 175 6.79 -6.10 29.61
N ARG A 176 5.62 -6.06 30.25
CA ARG A 176 4.36 -5.74 29.59
C ARG A 176 3.77 -4.56 30.34
N PHE A 177 3.28 -3.58 29.57
CA PHE A 177 2.67 -2.40 30.16
C PHE A 177 1.59 -1.86 29.34
N LYS A 178 0.59 -1.31 30.01
CA LYS A 178 -0.52 -0.62 29.38
C LYS A 178 -0.33 0.76 29.99
N ALA A 179 0.01 1.74 29.14
CA ALA A 179 0.22 3.11 29.61
C ALA A 179 -1.07 3.60 30.25
N ASP A 180 -0.96 4.32 31.37
CA ASP A 180 -2.09 4.88 32.13
C ASP A 180 -2.91 5.86 31.28
N GLY A 181 -4.21 5.57 31.18
CA GLY A 181 -5.18 6.39 30.45
C GLY A 181 -5.29 7.80 31.01
N GLU A 182 -5.09 7.92 32.35
CA GLU A 182 -5.10 9.18 33.08
C GLU A 182 -3.99 10.15 32.67
N ILE A 183 -2.74 9.68 32.49
CA ILE A 183 -1.63 10.54 32.12
C ILE A 183 -1.57 10.82 30.65
N PHE A 184 -1.74 9.78 29.81
CA PHE A 184 -1.65 9.97 28.37
C PHE A 184 -3.00 10.37 27.78
N THR A 185 -3.35 11.64 28.02
CA THR A 185 -4.59 12.25 27.51
C THR A 185 -4.24 12.77 26.12
N GLU A 186 -5.07 12.39 25.12
CA GLU A 186 -4.98 12.68 23.68
C GLU A 186 -4.76 11.40 22.89
N THR A 187 -3.74 10.57 23.30
CA THR A 187 -3.46 9.30 22.60
C THR A 187 -2.76 8.23 23.49
N THR A 188 -3.28 6.98 23.34
CA THR A 188 -2.86 5.72 23.96
C THR A 188 -2.62 4.63 22.86
N VAL A 189 -2.90 4.97 21.58
CA VAL A 189 -2.69 4.08 20.43
C VAL A 189 -1.32 4.38 19.85
N TYR A 190 -0.45 3.34 19.74
CA TYR A 190 0.91 3.45 19.21
C TYR A 190 0.98 3.49 17.68
N ASN A 191 1.92 4.30 17.16
CA ASN A 191 2.16 4.39 15.74
C ASN A 191 3.26 3.42 15.44
N TYR A 192 2.95 2.36 14.65
CA TYR A 192 3.90 1.32 14.24
C TYR A 192 5.09 1.92 13.54
N GLU A 193 4.84 2.82 12.54
CA GLU A 193 5.93 3.45 11.78
C GLU A 193 6.86 4.22 12.68
N THR A 194 6.32 4.88 13.73
CA THR A 194 7.09 5.61 14.75
C THR A 194 8.05 4.62 15.44
N LEU A 195 7.54 3.47 15.94
CA LEU A 195 8.37 2.44 16.60
C LEU A 195 9.42 1.82 15.65
N GLN A 196 9.02 1.54 14.40
CA GLN A 196 9.83 0.95 13.32
C GLN A 196 11.09 1.75 13.06
N GLN A 197 10.94 3.06 12.94
CA GLN A 197 12.00 4.02 12.70
C GLN A 197 13.06 4.02 13.81
N ARG A 198 12.63 4.11 15.10
CA ARG A 198 13.58 4.11 16.21
C ARG A 198 14.27 2.74 16.37
N ILE A 199 13.53 1.64 16.15
CA ILE A 199 14.09 0.29 16.23
C ILE A 199 15.15 0.09 15.13
N ARG A 200 14.86 0.54 13.89
CA ARG A 200 15.76 0.43 12.74
C ARG A 200 17.11 1.20 12.97
N GLU A 201 17.01 2.35 13.66
CA GLU A 201 18.10 3.23 13.99
C GLU A 201 18.94 2.51 15.05
N LEU A 202 18.33 2.09 16.14
CA LEU A 202 19.03 1.40 17.19
C LEU A 202 19.77 0.16 16.79
N ALA A 203 19.21 -0.60 15.88
CA ALA A 203 19.81 -1.80 15.37
C ALA A 203 21.06 -1.54 14.62
N PHE A 204 21.02 -0.49 13.83
CA PHE A 204 22.14 0.07 13.11
C PHE A 204 23.22 0.69 13.98
N LEU A 205 22.85 1.45 15.00
CA LEU A 205 23.85 1.98 15.91
C LEU A 205 24.51 0.93 16.72
N ASN A 206 23.72 0.02 17.25
CA ASN A 206 24.27 -1.07 17.99
C ASN A 206 24.19 -2.28 17.17
N LYS A 207 25.29 -2.62 16.57
CA LYS A 207 25.35 -3.65 15.59
C LYS A 207 25.53 -4.94 16.30
N GLY A 208 25.03 -5.98 15.69
CA GLY A 208 25.00 -7.29 16.33
C GLY A 208 23.68 -7.58 17.02
N ILE A 209 22.99 -6.56 17.47
CA ILE A 209 21.75 -6.73 18.16
C ILE A 209 20.65 -6.91 17.18
N GLN A 210 19.78 -7.88 17.44
CA GLN A 210 18.65 -8.16 16.58
C GLN A 210 17.40 -7.68 17.30
N ILE A 211 16.75 -6.64 16.81
CA ILE A 211 15.57 -6.08 17.44
C ILE A 211 14.42 -6.38 16.49
N THR A 212 13.29 -6.89 17.02
CA THR A 212 12.12 -7.25 16.22
C THR A 212 10.92 -6.48 16.67
N LEU A 213 10.06 -6.10 15.72
CA LEU A 213 8.82 -5.40 16.00
C LEU A 213 7.68 -6.21 15.45
N ARG A 214 6.71 -6.54 16.32
CA ARG A 214 5.51 -7.29 15.98
C ARG A 214 4.28 -6.51 16.38
N ASP A 215 3.34 -6.36 15.46
CA ASP A 215 2.08 -5.68 15.73
C ASP A 215 1.09 -6.83 15.78
N GLU A 216 0.50 -7.08 16.95
CA GLU A 216 -0.45 -8.18 17.14
C GLU A 216 -1.85 -7.72 17.45
N ARG A 217 -2.03 -6.40 17.63
CA ARG A 217 -3.27 -5.70 17.94
C ARG A 217 -4.44 -6.28 17.15
N ASP A 218 -4.19 -6.71 15.90
CA ASP A 218 -5.18 -7.33 15.05
C ASP A 218 -4.67 -8.71 14.67
N GLU A 219 -5.37 -9.76 15.13
CA GLU A 219 -5.07 -11.17 14.87
C GLU A 219 -5.15 -11.50 13.36
N GLU A 220 -6.02 -10.80 12.64
CA GLU A 220 -6.24 -11.08 11.22
C GLU A 220 -5.16 -10.56 10.29
N ASN A 221 -4.39 -9.54 10.69
CA ASN A 221 -3.27 -8.99 9.91
C ASN A 221 -2.15 -8.77 10.90
N VAL A 222 -1.20 -9.68 10.97
CA VAL A 222 -0.09 -9.50 11.90
C VAL A 222 1.11 -8.94 11.17
N ARG A 223 1.66 -7.81 11.68
CA ARG A 223 2.82 -7.13 11.09
C ARG A 223 4.14 -7.50 11.82
N GLU A 224 5.25 -7.67 11.07
CA GLU A 224 6.56 -8.00 11.64
C GLU A 224 7.73 -7.47 10.82
N ASP A 225 8.70 -6.83 11.48
CA ASP A 225 9.93 -6.29 10.87
C ASP A 225 11.08 -6.60 11.79
N SER A 226 12.00 -7.50 11.36
CA SER A 226 13.16 -7.90 12.17
C SER A 226 14.38 -7.15 11.69
N TYR A 227 15.09 -6.44 12.57
CA TYR A 227 16.27 -5.63 12.22
C TYR A 227 17.58 -6.15 12.80
N HIS A 228 18.50 -6.63 11.95
CA HIS A 228 19.78 -7.15 12.42
C HIS A 228 20.96 -6.83 11.49
N TYR A 229 21.72 -5.77 11.83
CA TYR A 229 22.88 -5.35 11.03
C TYR A 229 24.17 -5.85 11.63
N GLU A 230 24.98 -6.56 10.83
CA GLU A 230 26.30 -7.00 11.26
C GLU A 230 27.31 -5.97 10.73
N GLY A 231 26.88 -5.22 9.71
CA GLY A 231 27.62 -4.14 9.03
C GLY A 231 27.00 -3.75 7.68
N LEU B 25 -24.16 0.46 -8.49
CA LEU B 25 -23.67 1.75 -8.07
C LEU B 25 -24.82 2.71 -8.02
N GLU B 26 -25.66 2.65 -9.06
CA GLU B 26 -26.90 3.38 -9.09
C GLU B 26 -28.05 2.50 -8.64
N ALA B 27 -27.73 1.24 -8.37
CA ALA B 27 -28.66 0.21 -7.94
C ALA B 27 -29.24 0.53 -6.61
N ALA B 28 -28.42 1.13 -5.76
CA ALA B 28 -28.82 1.58 -4.46
C ALA B 28 -29.65 2.82 -4.60
N ARG B 29 -29.17 3.73 -5.41
CA ARG B 29 -29.93 4.97 -5.60
C ARG B 29 -31.34 4.62 -6.04
N LYS B 30 -31.46 3.60 -6.92
CA LYS B 30 -32.73 3.11 -7.46
C LYS B 30 -33.51 2.26 -6.44
N ARG B 31 -32.84 1.38 -5.66
CA ARG B 31 -33.50 0.54 -4.64
C ARG B 31 -32.96 0.82 -3.18
N PRO B 32 -33.11 2.07 -2.65
CA PRO B 32 -32.59 2.38 -1.29
C PRO B 32 -33.11 1.54 -0.13
N GLY B 33 -34.35 1.06 -0.23
CA GLY B 33 -34.96 0.22 0.80
C GLY B 33 -34.22 -1.09 0.97
N MET B 34 -33.71 -1.66 -0.16
CA MET B 34 -32.94 -2.90 -0.22
C MET B 34 -31.54 -2.75 0.36
N TYR B 35 -31.17 -1.53 0.82
CA TYR B 35 -29.84 -1.22 1.35
C TYR B 35 -29.84 -0.58 2.74
N ILE B 36 -30.90 0.14 3.15
CA ILE B 36 -30.95 0.77 4.47
C ILE B 36 -32.35 0.63 5.19
N GLY B 37 -33.21 -0.25 4.70
CA GLY B 37 -34.52 -0.51 5.29
C GLY B 37 -35.69 0.39 4.91
N SER B 38 -35.44 1.70 4.77
CA SER B 38 -36.45 2.71 4.44
C SER B 38 -35.78 4.04 4.05
N THR B 39 -36.59 5.01 3.64
CA THR B 39 -36.18 6.35 3.26
C THR B 39 -36.85 7.39 4.22
N SER B 40 -37.35 6.90 5.38
CA SER B 40 -37.99 7.73 6.40
C SER B 40 -36.94 8.15 7.44
N GLU B 41 -37.34 8.59 8.67
CA GLU B 41 -36.40 8.95 9.73
C GLU B 41 -35.46 7.75 9.97
N ARG B 42 -35.99 6.51 9.97
CA ARG B 42 -35.19 5.31 10.16
C ARG B 42 -34.04 5.18 9.15
N GLY B 43 -34.29 5.53 7.91
CA GLY B 43 -33.28 5.43 6.87
C GLY B 43 -32.18 6.49 6.95
N LEU B 44 -32.59 7.75 7.26
CA LEU B 44 -31.74 8.91 7.38
C LEU B 44 -30.69 8.65 8.47
N HIS B 45 -31.14 8.21 9.65
CA HIS B 45 -30.27 7.90 10.78
C HIS B 45 -29.39 6.68 10.50
N HIS B 46 -29.82 5.81 9.57
CA HIS B 46 -29.05 4.61 9.23
C HIS B 46 -27.78 4.94 8.48
N LEU B 47 -27.73 6.08 7.78
CA LEU B 47 -26.55 6.54 7.04
C LEU B 47 -25.43 6.78 8.07
N VAL B 48 -25.79 7.40 9.22
CA VAL B 48 -24.90 7.71 10.33
C VAL B 48 -24.36 6.39 10.88
N TRP B 49 -25.24 5.39 11.10
CA TRP B 49 -24.83 4.10 11.66
C TRP B 49 -23.81 3.42 10.81
N GLU B 50 -23.94 3.54 9.47
CA GLU B 50 -23.00 2.87 8.57
C GLU B 50 -21.61 3.48 8.63
N ILE B 51 -21.51 4.84 8.69
CA ILE B 51 -20.18 5.45 8.74
C ILE B 51 -19.52 5.11 10.10
N VAL B 52 -20.28 5.22 11.22
CA VAL B 52 -19.80 4.95 12.58
C VAL B 52 -19.39 3.49 12.77
N ASP B 53 -19.96 2.58 11.96
CA ASP B 53 -19.59 1.18 12.14
C ASP B 53 -18.21 0.93 11.59
N ASN B 54 -17.82 1.74 10.60
CA ASN B 54 -16.49 1.66 10.01
C ASN B 54 -15.47 2.13 11.02
N SER B 55 -15.80 3.20 11.74
CA SER B 55 -14.94 3.72 12.78
C SER B 55 -14.83 2.70 13.89
N ILE B 56 -15.95 2.02 14.26
CA ILE B 56 -15.94 1.00 15.31
C ILE B 56 -15.08 -0.18 14.83
N ASP B 57 -15.16 -0.54 13.52
CA ASP B 57 -14.35 -1.63 12.94
C ASP B 57 -12.88 -1.41 13.28
N GLU B 58 -12.32 -0.26 12.85
CA GLU B 58 -10.94 0.17 13.05
C GLU B 58 -10.58 0.21 14.53
N ALA B 59 -11.56 0.53 15.37
CA ALA B 59 -11.36 0.58 16.81
C ALA B 59 -11.17 -0.84 17.29
N LEU B 60 -12.04 -1.76 16.93
CA LEU B 60 -11.90 -3.16 17.35
C LEU B 60 -10.69 -3.91 16.83
N ALA B 61 -9.98 -3.32 15.89
CA ALA B 61 -8.73 -3.87 15.36
C ALA B 61 -7.55 -3.37 16.20
N GLY B 62 -7.84 -2.40 17.09
CA GLY B 62 -6.91 -1.78 18.02
C GLY B 62 -6.18 -0.53 17.58
N TYR B 63 -6.76 0.22 16.62
CA TYR B 63 -6.15 1.42 16.05
C TYR B 63 -6.84 2.73 16.40
N ALA B 64 -8.15 2.72 16.62
CA ALA B 64 -8.83 3.93 17.01
C ALA B 64 -9.46 3.73 18.39
N ASN B 65 -9.54 4.80 19.17
CA ASN B 65 -10.16 4.71 20.49
C ASN B 65 -11.10 5.88 20.72
N GLN B 66 -11.32 6.69 19.66
CA GLN B 66 -12.15 7.89 19.66
C GLN B 66 -12.94 8.09 18.40
N ILE B 67 -14.28 8.18 18.53
CA ILE B 67 -15.19 8.48 17.42
C ILE B 67 -15.96 9.75 17.78
N GLU B 68 -16.20 10.64 16.78
CA GLU B 68 -16.92 11.89 16.92
C GLU B 68 -17.97 12.09 15.84
N VAL B 69 -19.24 12.21 16.26
CA VAL B 69 -20.37 12.44 15.39
C VAL B 69 -20.88 13.86 15.65
N VAL B 70 -20.76 14.70 14.60
CA VAL B 70 -21.21 16.10 14.62
C VAL B 70 -22.39 16.31 13.63
N ILE B 71 -23.54 16.82 14.14
CA ILE B 71 -24.69 17.17 13.28
C ILE B 71 -24.35 18.66 13.04
N GLU B 72 -24.16 19.08 11.79
CA GLU B 72 -23.76 20.46 11.47
C GLU B 72 -24.86 21.31 10.86
N LYS B 73 -24.48 22.57 10.50
CA LYS B 73 -25.34 23.53 9.83
C LYS B 73 -25.93 22.84 8.57
N ASP B 74 -27.19 23.17 8.22
CA ASP B 74 -27.91 22.58 7.09
C ASP B 74 -27.86 21.00 7.13
N ASN B 75 -27.93 20.42 8.36
CA ASN B 75 -27.96 18.99 8.70
C ASN B 75 -26.92 18.10 8.00
N TRP B 76 -25.65 18.52 8.03
CA TRP B 76 -24.58 17.72 7.47
C TRP B 76 -24.12 16.85 8.61
N ILE B 77 -23.62 15.65 8.32
CA ILE B 77 -23.09 14.80 9.38
C ILE B 77 -21.61 14.79 9.17
N LYS B 78 -20.85 14.90 10.24
CA LYS B 78 -19.41 14.78 10.14
C LYS B 78 -18.97 13.71 11.13
N VAL B 79 -18.29 12.62 10.65
CA VAL B 79 -17.76 11.49 11.46
C VAL B 79 -16.21 11.54 11.45
N THR B 80 -15.59 11.37 12.63
CA THR B 80 -14.13 11.41 12.81
C THR B 80 -13.63 10.35 13.78
N ASP B 81 -12.71 9.51 13.27
CA ASP B 81 -12.02 8.53 14.10
C ASP B 81 -10.54 8.91 14.05
N ASN B 82 -9.82 8.56 15.13
CA ASN B 82 -8.38 8.77 15.31
C ASN B 82 -7.64 7.51 14.84
N GLY B 83 -8.17 6.88 13.78
CA GLY B 83 -7.62 5.64 13.21
C GLY B 83 -6.37 5.84 12.38
N ARG B 84 -6.00 4.81 11.61
CA ARG B 84 -4.83 4.82 10.75
C ARG B 84 -5.09 5.73 9.56
N GLY B 85 -6.38 5.92 9.23
CA GLY B 85 -6.83 6.67 8.05
C GLY B 85 -6.96 5.69 6.91
N ILE B 86 -8.13 5.67 6.21
CA ILE B 86 -8.41 4.79 5.06
C ILE B 86 -7.21 4.83 4.12
N PRO B 87 -6.65 3.70 3.63
CA PRO B 87 -5.49 3.78 2.74
C PRO B 87 -5.72 4.62 1.48
N VAL B 88 -4.77 5.51 1.26
CA VAL B 88 -4.74 6.43 0.13
C VAL B 88 -4.00 5.76 -1.06
N ASP B 89 -2.92 4.99 -0.79
CA ASP B 89 -2.13 4.26 -1.78
C ASP B 89 -3.01 3.56 -2.84
N ILE B 90 -2.60 3.72 -4.12
CA ILE B 90 -3.25 3.19 -5.33
C ILE B 90 -3.48 1.69 -5.25
N GLN B 91 -4.75 1.28 -5.43
CA GLN B 91 -5.17 -0.12 -5.42
C GLN B 91 -4.94 -0.67 -6.84
N GLU B 92 -3.95 -1.58 -7.02
CA GLU B 92 -3.57 -2.18 -8.30
C GLU B 92 -4.74 -2.84 -9.09
N LYS B 93 -5.72 -3.43 -8.37
CA LYS B 93 -6.90 -4.12 -8.93
C LYS B 93 -7.87 -3.23 -9.74
N MET B 94 -8.15 -1.98 -9.28
CA MET B 94 -9.08 -1.08 -9.98
C MET B 94 -8.39 0.21 -10.53
N GLY B 95 -7.12 0.41 -10.21
CA GLY B 95 -6.34 1.56 -10.68
C GLY B 95 -6.46 2.86 -9.90
N ARG B 96 -7.52 3.02 -9.06
CA ARG B 96 -7.78 4.23 -8.27
C ARG B 96 -7.29 4.14 -6.79
N PRO B 97 -7.18 5.27 -6.02
CA PRO B 97 -6.76 5.15 -4.60
C PRO B 97 -7.78 4.34 -3.80
N ALA B 98 -7.32 3.64 -2.74
CA ALA B 98 -8.19 2.78 -1.94
C ALA B 98 -9.43 3.49 -1.38
N VAL B 99 -9.29 4.75 -0.91
CA VAL B 99 -10.41 5.56 -0.39
C VAL B 99 -11.48 5.83 -1.49
N GLU B 100 -11.03 6.03 -2.74
CA GLU B 100 -11.91 6.27 -3.88
C GLU B 100 -12.77 5.02 -4.07
N VAL B 101 -12.12 3.82 -4.05
CA VAL B 101 -12.73 2.48 -4.19
C VAL B 101 -13.86 2.23 -3.12
N ILE B 102 -13.51 2.04 -1.79
CA ILE B 102 -14.50 1.78 -0.71
C ILE B 102 -15.77 2.61 -0.79
N LEU B 103 -15.62 3.91 -1.12
CA LEU B 103 -16.68 4.90 -1.19
C LEU B 103 -17.46 4.94 -2.51
N THR B 104 -16.90 4.34 -3.57
CA THR B 104 -17.54 4.31 -4.89
C THR B 104 -18.03 2.92 -5.29
N VAL B 105 -17.24 1.87 -5.07
CA VAL B 105 -17.63 0.50 -5.43
C VAL B 105 -18.66 -0.03 -4.43
N LEU B 106 -19.87 -0.36 -4.91
CA LEU B 106 -20.94 -0.87 -4.07
C LEU B 106 -20.48 -2.13 -3.34
N HIS B 107 -20.79 -2.18 -2.03
CA HIS B 107 -20.48 -3.25 -1.07
C HIS B 107 -18.98 -3.47 -0.84
N ALA B 108 -18.09 -2.60 -1.35
CA ALA B 108 -16.63 -2.80 -1.16
C ALA B 108 -16.18 -2.80 0.30
N GLY B 109 -15.37 -3.81 0.65
CA GLY B 109 -14.84 -4.01 1.98
C GLY B 109 -15.55 -5.08 2.80
N GLY B 110 -16.08 -6.10 2.14
CA GLY B 110 -16.76 -7.16 2.84
C GLY B 110 -17.64 -8.07 2.00
N LYS B 111 -18.77 -8.47 2.59
CA LYS B 111 -19.78 -9.33 1.95
C LYS B 111 -21.16 -8.91 2.46
N PHE B 112 -22.08 -8.69 1.50
CA PHE B 112 -23.47 -8.26 1.72
C PHE B 112 -24.34 -8.83 0.60
N GLY B 125 -24.54 -4.60 7.40
CA GLY B 125 -23.30 -3.92 7.01
C GLY B 125 -23.03 -3.94 5.51
N VAL B 126 -23.62 -2.96 4.77
CA VAL B 126 -23.53 -2.80 3.30
C VAL B 126 -22.42 -1.81 2.80
N GLY B 127 -21.74 -1.14 3.74
CA GLY B 127 -20.67 -0.22 3.40
C GLY B 127 -21.02 1.23 3.25
N SER B 128 -19.97 2.07 3.33
CA SER B 128 -19.97 3.52 3.20
C SER B 128 -20.31 3.96 1.79
N SER B 129 -20.20 3.04 0.79
CA SER B 129 -20.53 3.33 -0.61
C SER B 129 -22.01 3.64 -0.80
N VAL B 130 -22.89 2.92 -0.06
CA VAL B 130 -24.35 3.11 -0.08
C VAL B 130 -24.67 4.48 0.55
N VAL B 131 -23.84 4.90 1.53
CA VAL B 131 -23.97 6.19 2.22
C VAL B 131 -23.57 7.26 1.27
N ASN B 132 -22.59 6.99 0.38
CA ASN B 132 -22.16 7.97 -0.62
C ASN B 132 -23.24 8.13 -1.66
N ALA B 133 -23.71 7.00 -2.26
CA ALA B 133 -24.73 7.00 -3.30
C ALA B 133 -26.00 7.73 -2.87
N LEU B 134 -26.41 7.58 -1.60
CA LEU B 134 -27.60 8.21 -1.02
C LEU B 134 -27.41 9.67 -0.57
N SER B 135 -26.18 10.23 -0.67
CA SER B 135 -25.89 11.61 -0.28
C SER B 135 -25.75 12.53 -1.48
N GLN B 136 -26.39 13.70 -1.45
CA GLN B 136 -26.28 14.67 -2.55
C GLN B 136 -24.83 15.21 -2.65
N ASP B 137 -24.17 15.32 -1.48
CA ASP B 137 -22.78 15.75 -1.35
C ASP B 137 -22.09 14.91 -0.26
N LEU B 138 -20.84 14.49 -0.53
CA LEU B 138 -20.02 13.73 0.42
C LEU B 138 -18.55 14.08 0.28
N GLU B 139 -17.90 14.37 1.40
CA GLU B 139 -16.50 14.72 1.51
C GLU B 139 -15.75 13.67 2.33
N VAL B 140 -14.44 13.51 2.06
CA VAL B 140 -13.51 12.61 2.76
C VAL B 140 -12.14 13.33 2.99
N TYR B 141 -11.59 13.24 4.22
CA TYR B 141 -10.33 13.85 4.60
C TYR B 141 -9.47 12.85 5.37
N VAL B 142 -8.64 12.03 4.67
CA VAL B 142 -7.75 11.05 5.31
C VAL B 142 -6.50 11.77 5.85
N HIS B 143 -6.10 11.49 7.09
CA HIS B 143 -4.91 12.06 7.73
C HIS B 143 -3.81 10.99 7.89
N ARG B 144 -3.09 10.73 6.78
CA ARG B 144 -1.97 9.79 6.73
C ARG B 144 -0.77 10.52 6.18
N ASN B 145 0.45 10.09 6.54
CA ASN B 145 1.75 10.63 6.08
C ASN B 145 1.89 12.14 6.36
N GLU B 146 1.41 12.58 7.55
CA GLU B 146 1.41 13.97 8.05
C GLU B 146 0.75 14.96 7.05
N THR B 147 -0.11 14.45 6.12
CA THR B 147 -0.81 15.22 5.10
C THR B 147 -2.34 14.89 5.02
N ILE B 148 -3.17 15.78 4.41
CA ILE B 148 -4.62 15.55 4.29
C ILE B 148 -5.03 15.25 2.88
N TYR B 149 -5.37 14.00 2.57
CA TYR B 149 -5.82 13.67 1.21
C TYR B 149 -7.32 13.86 1.25
N HIS B 150 -7.85 14.60 0.28
CA HIS B 150 -9.29 14.88 0.21
C HIS B 150 -9.90 14.60 -1.17
N GLN B 151 -11.16 14.19 -1.17
CA GLN B 151 -11.96 13.93 -2.38
C GLN B 151 -13.44 14.14 -2.05
N ALA B 152 -14.19 14.77 -2.96
CA ALA B 152 -15.61 15.02 -2.77
C ALA B 152 -16.41 14.30 -3.83
N TYR B 153 -17.69 14.03 -3.54
CA TYR B 153 -18.63 13.27 -4.36
C TYR B 153 -20.01 13.90 -4.33
N LYS B 154 -20.81 13.63 -5.37
CA LYS B 154 -22.17 14.10 -5.53
C LYS B 154 -22.93 12.89 -6.02
N LYS B 155 -23.82 12.34 -5.17
CA LYS B 155 -24.60 11.13 -5.44
C LYS B 155 -23.69 9.88 -5.70
N GLY B 156 -22.48 9.87 -5.10
CA GLY B 156 -21.52 8.79 -5.23
C GLY B 156 -20.43 9.01 -6.28
N VAL B 157 -20.70 9.90 -7.23
CA VAL B 157 -19.82 10.23 -8.36
C VAL B 157 -18.69 11.13 -7.87
N PRO B 158 -17.39 10.70 -7.96
CA PRO B 158 -16.27 11.62 -7.55
C PRO B 158 -16.27 12.94 -8.33
N GLN B 159 -16.16 14.05 -7.61
CA GLN B 159 -16.16 15.37 -8.24
C GLN B 159 -14.81 15.76 -8.81
N PHE B 160 -13.75 15.03 -8.40
CA PHE B 160 -12.35 15.24 -8.76
C PHE B 160 -11.47 14.17 -8.12
N ASP B 161 -10.26 13.90 -8.66
CA ASP B 161 -9.32 12.92 -8.13
C ASP B 161 -8.78 13.34 -6.77
N LEU B 162 -8.54 12.36 -5.88
CA LEU B 162 -8.02 12.57 -4.53
C LEU B 162 -6.89 13.62 -4.58
N LYS B 163 -7.00 14.71 -3.79
CA LYS B 163 -6.06 15.84 -3.77
C LYS B 163 -5.46 16.11 -2.36
N GLU B 164 -4.14 16.30 -2.25
CA GLU B 164 -3.49 16.62 -0.97
C GLU B 164 -3.82 18.10 -0.73
N VAL B 165 -4.50 18.39 0.38
CA VAL B 165 -5.00 19.74 0.67
C VAL B 165 -4.44 20.39 1.98
N GLY B 166 -3.50 19.75 2.65
CA GLY B 166 -2.91 20.31 3.87
C GLY B 166 -1.94 19.36 4.55
N THR B 167 -1.46 19.78 5.74
CA THR B 167 -0.54 18.99 6.57
C THR B 167 -1.13 18.82 7.97
N THR B 168 -1.00 17.60 8.50
CA THR B 168 -1.54 17.22 9.80
C THR B 168 -0.52 16.60 10.76
N ASP B 169 -0.77 16.78 12.08
CA ASP B 169 0.05 16.22 13.16
C ASP B 169 -0.53 14.84 13.54
N LYS B 170 -1.84 14.63 13.27
CA LYS B 170 -2.63 13.46 13.60
C LYS B 170 -2.89 12.44 12.46
N THR B 171 -3.50 11.29 12.82
CA THR B 171 -3.90 10.21 11.91
C THR B 171 -5.40 9.94 12.14
N GLY B 172 -6.08 9.57 11.06
CA GLY B 172 -7.50 9.28 11.06
C GLY B 172 -8.26 9.58 9.80
N THR B 173 -9.58 9.44 9.88
CA THR B 173 -10.48 9.68 8.76
C THR B 173 -11.60 10.64 9.14
N VAL B 174 -12.07 11.42 8.15
CA VAL B 174 -13.18 12.35 8.30
C VAL B 174 -14.15 12.11 7.17
N ILE B 175 -15.45 12.04 7.47
CA ILE B 175 -16.49 11.86 6.48
C ILE B 175 -17.54 12.90 6.82
N ARG B 176 -17.88 13.81 5.84
CA ARG B 176 -18.93 14.84 5.95
C ARG B 176 -19.89 14.54 4.81
N PHE B 177 -21.18 14.46 5.12
CA PHE B 177 -22.18 14.16 4.11
C PHE B 177 -23.50 14.86 4.32
N LYS B 178 -24.15 15.20 3.19
CA LYS B 178 -25.47 15.82 3.20
C LYS B 178 -26.32 14.81 2.52
N ALA B 179 -27.25 14.18 3.26
CA ALA B 179 -28.16 13.19 2.73
C ALA B 179 -29.00 13.86 1.63
N ASP B 180 -29.07 13.19 0.46
CA ASP B 180 -29.81 13.63 -0.73
C ASP B 180 -31.33 13.82 -0.44
N GLY B 181 -31.82 15.06 -0.58
CA GLY B 181 -33.22 15.39 -0.37
C GLY B 181 -34.17 14.61 -1.25
N GLU B 182 -33.73 14.34 -2.51
CA GLU B 182 -34.43 13.57 -3.54
C GLU B 182 -34.71 12.15 -3.07
N ILE B 183 -33.77 11.53 -2.36
CA ILE B 183 -33.93 10.17 -1.86
C ILE B 183 -34.68 10.21 -0.53
N PHE B 184 -34.28 11.13 0.37
CA PHE B 184 -34.90 11.22 1.69
C PHE B 184 -35.98 12.30 1.75
N THR B 185 -37.09 12.00 1.08
CA THR B 185 -38.29 12.84 1.05
C THR B 185 -39.10 12.46 2.30
N GLU B 186 -39.72 13.48 2.97
CA GLU B 186 -40.51 13.38 4.22
C GLU B 186 -39.73 13.99 5.37
N THR B 187 -38.50 13.48 5.60
CA THR B 187 -37.59 13.97 6.65
C THR B 187 -36.12 13.97 6.18
N THR B 188 -35.37 15.01 6.64
CA THR B 188 -33.98 15.24 6.32
C THR B 188 -33.29 15.88 7.55
N VAL B 189 -34.07 16.03 8.63
CA VAL B 189 -33.61 16.57 9.90
C VAL B 189 -33.33 15.40 10.86
N TYR B 190 -32.13 15.37 11.43
CA TYR B 190 -31.80 14.30 12.36
C TYR B 190 -32.35 14.58 13.75
N ASN B 191 -32.75 13.50 14.41
CA ASN B 191 -33.21 13.55 15.77
C ASN B 191 -31.98 13.29 16.61
N TYR B 192 -31.64 14.27 17.48
CA TYR B 192 -30.49 14.18 18.34
C TYR B 192 -30.59 12.96 19.23
N GLU B 193 -31.72 12.82 19.97
CA GLU B 193 -31.93 11.69 20.91
C GLU B 193 -31.79 10.35 20.25
N THR B 194 -32.18 10.23 18.97
CA THR B 194 -32.07 8.98 18.22
C THR B 194 -30.58 8.61 18.03
N LEU B 195 -29.73 9.61 17.75
CA LEU B 195 -28.29 9.42 17.59
C LEU B 195 -27.67 9.09 18.95
N GLN B 196 -28.06 9.87 19.98
CA GLN B 196 -27.64 9.78 21.38
C GLN B 196 -27.86 8.40 22.02
N GLN B 197 -29.03 7.79 21.76
CA GLN B 197 -29.46 6.48 22.25
C GLN B 197 -28.63 5.36 21.67
N ARG B 198 -28.36 5.40 20.34
CA ARG B 198 -27.54 4.39 19.66
C ARG B 198 -26.06 4.59 19.98
N ILE B 199 -25.56 5.86 20.03
CA ILE B 199 -24.16 6.12 20.36
C ILE B 199 -23.88 5.54 21.77
N ARG B 200 -24.76 5.82 22.72
CA ARG B 200 -24.68 5.34 24.10
C ARG B 200 -24.58 3.79 24.18
N GLU B 201 -25.40 3.11 23.37
CA GLU B 201 -25.44 1.68 23.30
C GLU B 201 -24.12 1.19 22.69
N LEU B 202 -23.62 1.81 21.65
CA LEU B 202 -22.38 1.39 21.04
C LEU B 202 -21.18 1.52 21.92
N ALA B 203 -21.14 2.61 22.65
CA ALA B 203 -20.07 2.91 23.61
C ALA B 203 -20.01 1.88 24.67
N PHE B 204 -21.15 1.40 25.10
CA PHE B 204 -21.32 0.41 26.15
C PHE B 204 -21.02 -0.96 25.63
N LEU B 205 -21.54 -1.32 24.48
CA LEU B 205 -21.22 -2.59 23.88
C LEU B 205 -19.79 -2.72 23.45
N ASN B 206 -19.24 -1.69 22.83
CA ASN B 206 -17.83 -1.67 22.51
C ASN B 206 -16.93 -0.96 23.49
N LYS B 207 -16.72 -1.51 24.66
CA LYS B 207 -15.99 -0.84 25.71
C LYS B 207 -14.61 -0.36 25.38
N GLY B 208 -14.23 0.73 25.99
CA GLY B 208 -12.93 1.35 25.78
C GLY B 208 -12.82 2.38 24.67
N ILE B 209 -13.85 2.55 23.87
CA ILE B 209 -13.80 3.56 22.86
C ILE B 209 -14.72 4.66 23.21
N GLN B 210 -14.25 5.87 23.02
CA GLN B 210 -14.96 7.09 23.34
C GLN B 210 -15.70 7.60 22.12
N ILE B 211 -17.04 7.59 22.17
CA ILE B 211 -17.87 8.09 21.07
C ILE B 211 -18.50 9.40 21.56
N THR B 212 -18.36 10.48 20.78
CA THR B 212 -18.86 11.80 21.17
C THR B 212 -19.92 12.28 20.19
N LEU B 213 -21.02 12.77 20.72
CA LEU B 213 -22.10 13.34 19.91
C LEU B 213 -22.11 14.83 20.19
N ARG B 214 -22.09 15.63 19.09
CA ARG B 214 -22.11 17.09 19.13
C ARG B 214 -23.11 17.66 18.09
N ASP B 215 -23.99 18.57 18.53
CA ASP B 215 -24.96 19.23 17.66
C ASP B 215 -24.51 20.66 17.50
N GLU B 216 -24.08 21.03 16.31
CA GLU B 216 -23.59 22.37 16.00
C GLU B 216 -24.54 23.18 15.13
N ARG B 217 -25.69 22.56 14.71
CA ARG B 217 -26.75 23.15 13.86
C ARG B 217 -27.10 24.52 14.29
N ASP B 218 -27.15 24.77 15.61
CA ASP B 218 -27.45 26.08 16.17
C ASP B 218 -26.26 26.52 17.02
N GLU B 219 -25.52 27.54 16.55
CA GLU B 219 -24.33 28.14 17.15
C GLU B 219 -24.60 28.71 18.52
N GLU B 220 -25.81 29.28 18.71
CA GLU B 220 -26.27 29.93 19.95
C GLU B 220 -26.45 28.94 21.11
N ASN B 221 -26.67 27.66 20.79
CA ASN B 221 -26.86 26.61 21.78
C ASN B 221 -26.27 25.33 21.24
N VAL B 222 -24.99 25.08 21.55
CA VAL B 222 -24.32 23.86 21.11
C VAL B 222 -24.49 22.78 22.17
N ARG B 223 -24.91 21.59 21.73
CA ARG B 223 -25.17 20.43 22.57
C ARG B 223 -24.10 19.34 22.40
N GLU B 224 -23.63 18.72 23.51
CA GLU B 224 -22.61 17.66 23.48
C GLU B 224 -22.77 16.60 24.56
N ASP B 225 -22.57 15.34 24.16
CA ASP B 225 -22.61 14.17 25.03
C ASP B 225 -21.41 13.31 24.64
N SER B 226 -20.53 12.97 25.60
CA SER B 226 -19.35 12.15 25.35
C SER B 226 -19.48 10.84 26.08
N TYR B 227 -19.45 9.75 25.35
CA TYR B 227 -19.60 8.42 25.93
C TYR B 227 -18.31 7.62 25.93
N HIS B 228 -17.89 7.12 27.08
CA HIS B 228 -16.66 6.32 27.22
C HIS B 228 -16.72 5.35 28.40
N TYR B 229 -17.13 4.08 28.14
CA TYR B 229 -17.21 3.07 29.18
C TYR B 229 -15.91 2.33 29.19
N GLU B 230 -15.12 2.45 30.28
CA GLU B 230 -13.81 1.79 30.40
C GLU B 230 -13.93 0.28 30.59
N GLY B 231 -14.95 -0.13 31.34
CA GLY B 231 -15.26 -1.52 31.65
C GLY B 231 -16.73 -1.82 31.91
N LEU C 25 4.40 -25.38 -25.44
CA LEU C 25 5.26 -24.96 -24.36
C LEU C 25 6.13 -23.77 -24.72
N GLU C 26 6.94 -23.90 -25.76
CA GLU C 26 7.74 -22.78 -26.22
C GLU C 26 6.84 -21.73 -26.84
N ALA C 27 5.59 -22.08 -27.02
CA ALA C 27 4.61 -21.15 -27.48
C ALA C 27 4.45 -20.03 -26.49
N ALA C 28 4.42 -20.35 -25.21
CA ALA C 28 4.20 -19.37 -24.17
C ALA C 28 5.32 -18.38 -24.16
N ARG C 29 6.53 -18.85 -24.38
CA ARG C 29 7.65 -17.95 -24.47
C ARG C 29 7.62 -17.21 -25.77
N LYS C 30 7.04 -17.80 -26.80
CA LYS C 30 6.91 -17.08 -28.07
C LYS C 30 5.88 -15.93 -27.95
N ARG C 31 4.70 -16.22 -27.36
CA ARG C 31 3.61 -15.27 -27.14
C ARG C 31 3.29 -15.17 -25.61
N PRO C 32 4.18 -14.50 -24.81
CA PRO C 32 3.93 -14.41 -23.36
C PRO C 32 2.86 -13.43 -22.95
N GLY C 33 2.48 -12.55 -23.85
CA GLY C 33 1.40 -11.61 -23.57
C GLY C 33 0.07 -12.34 -23.67
N MET C 34 0.02 -13.36 -24.56
CA MET C 34 -1.17 -14.17 -24.80
C MET C 34 -1.35 -15.17 -23.66
N TYR C 35 -0.23 -15.72 -23.17
CA TYR C 35 -0.27 -16.71 -22.10
C TYR C 35 -0.47 -16.08 -20.70
N ILE C 36 0.40 -15.09 -20.28
CA ILE C 36 0.29 -14.47 -18.94
C ILE C 36 -0.36 -13.03 -18.92
N GLY C 37 -0.73 -12.53 -20.09
CA GLY C 37 -1.38 -11.23 -20.19
C GLY C 37 -0.51 -10.00 -20.39
N SER C 38 0.79 -10.07 -19.98
CA SER C 38 1.77 -8.96 -20.07
C SER C 38 3.18 -9.42 -19.72
N THR C 39 4.23 -8.77 -20.29
CA THR C 39 5.63 -9.09 -20.02
C THR C 39 6.29 -8.02 -19.12
N SER C 40 5.50 -6.98 -18.73
CA SER C 40 5.91 -5.86 -17.89
C SER C 40 5.97 -6.23 -16.36
N GLU C 41 5.88 -5.22 -15.47
CA GLU C 41 5.89 -5.41 -14.02
C GLU C 41 4.60 -6.10 -13.55
N ARG C 42 3.43 -5.75 -14.14
CA ARG C 42 2.13 -6.35 -13.79
C ARG C 42 2.14 -7.82 -14.17
N GLY C 43 2.76 -8.12 -15.31
CA GLY C 43 2.88 -9.46 -15.86
C GLY C 43 3.78 -10.34 -15.03
N LEU C 44 4.80 -9.73 -14.41
CA LEU C 44 5.75 -10.39 -13.54
C LEU C 44 5.05 -10.82 -12.24
N HIS C 45 4.17 -9.96 -11.71
CA HIS C 45 3.43 -10.23 -10.49
C HIS C 45 2.36 -11.30 -10.68
N HIS C 46 1.93 -11.57 -11.94
CA HIS C 46 0.95 -12.59 -12.29
C HIS C 46 1.52 -14.02 -12.11
N LEU C 47 2.87 -14.19 -12.20
CA LEU C 47 3.58 -15.45 -12.00
C LEU C 47 3.31 -15.99 -10.60
N VAL C 48 3.31 -15.09 -9.59
CA VAL C 48 3.08 -15.40 -8.19
C VAL C 48 1.59 -15.71 -7.97
N TRP C 49 0.68 -14.93 -8.60
CA TRP C 49 -0.77 -15.17 -8.50
C TRP C 49 -1.14 -16.56 -9.01
N GLU C 50 -0.52 -17.01 -10.13
CA GLU C 50 -0.81 -18.34 -10.69
C GLU C 50 -0.35 -19.45 -9.77
N ILE C 51 0.82 -19.32 -9.13
CA ILE C 51 1.27 -20.38 -8.24
C ILE C 51 0.38 -20.34 -7.03
N VAL C 52 0.17 -19.14 -6.46
CA VAL C 52 -0.64 -18.92 -5.25
C VAL C 52 -2.08 -19.44 -5.43
N ASP C 53 -2.66 -19.29 -6.62
CA ASP C 53 -4.02 -19.75 -6.82
C ASP C 53 -4.10 -21.27 -6.96
N ASN C 54 -2.96 -21.95 -7.11
CA ASN C 54 -2.94 -23.41 -7.16
C ASN C 54 -3.04 -23.91 -5.73
N SER C 55 -2.34 -23.23 -4.79
CA SER C 55 -2.38 -23.54 -3.35
C SER C 55 -3.79 -23.32 -2.77
N ILE C 56 -4.49 -22.29 -3.19
CA ILE C 56 -5.81 -22.02 -2.69
C ILE C 56 -6.78 -23.09 -3.18
N ASP C 57 -6.56 -23.53 -4.40
CA ASP C 57 -7.38 -24.58 -5.02
C ASP C 57 -7.38 -25.77 -4.08
N GLU C 58 -6.20 -26.18 -3.59
CA GLU C 58 -6.03 -27.29 -2.64
C GLU C 58 -6.73 -26.93 -1.31
N ALA C 59 -6.72 -25.63 -0.97
CA ALA C 59 -7.32 -25.10 0.25
C ALA C 59 -8.83 -25.16 0.21
N LEU C 60 -9.43 -24.77 -0.92
CA LEU C 60 -10.89 -24.79 -1.05
C LEU C 60 -11.47 -26.23 -0.95
N ALA C 61 -10.64 -27.26 -1.32
CA ALA C 61 -10.98 -28.69 -1.27
C ALA C 61 -10.92 -29.26 0.16
N GLY C 62 -10.37 -28.48 1.09
CA GLY C 62 -10.28 -28.80 2.52
C GLY C 62 -8.98 -29.41 3.01
N TYR C 63 -7.89 -29.33 2.22
CA TYR C 63 -6.61 -29.93 2.58
C TYR C 63 -5.59 -28.90 3.09
N ALA C 64 -5.41 -27.78 2.36
CA ALA C 64 -4.49 -26.70 2.75
C ALA C 64 -5.21 -25.61 3.56
N ASN C 65 -4.52 -25.10 4.58
CA ASN C 65 -5.04 -24.02 5.42
C ASN C 65 -3.92 -23.04 5.76
N GLN C 66 -2.71 -23.33 5.23
CA GLN C 66 -1.49 -22.52 5.37
C GLN C 66 -0.83 -22.35 4.00
N ILE C 67 -0.36 -21.15 3.72
CA ILE C 67 0.32 -20.76 2.48
C ILE C 67 1.38 -19.72 2.89
N GLU C 68 2.60 -19.93 2.44
CA GLU C 68 3.72 -19.06 2.70
C GLU C 68 4.20 -18.58 1.33
N VAL C 69 4.46 -17.30 1.21
CA VAL C 69 4.95 -16.68 -0.01
C VAL C 69 6.17 -15.87 0.44
N VAL C 70 7.35 -16.32 0.00
CA VAL C 70 8.63 -15.70 0.33
C VAL C 70 9.28 -14.96 -0.88
N ILE C 71 9.65 -13.68 -0.69
CA ILE C 71 10.37 -12.93 -1.73
C ILE C 71 11.80 -13.16 -1.26
N GLU C 72 12.49 -14.13 -1.88
CA GLU C 72 13.85 -14.55 -1.54
C GLU C 72 14.97 -13.74 -2.16
N LYS C 73 16.23 -14.04 -1.70
CA LYS C 73 17.44 -13.38 -2.19
C LYS C 73 17.50 -13.48 -3.72
N ASP C 74 17.80 -12.35 -4.38
CA ASP C 74 17.88 -12.22 -5.84
C ASP C 74 16.53 -12.53 -6.51
N ASN C 75 15.52 -11.76 -6.11
CA ASN C 75 14.13 -11.79 -6.53
C ASN C 75 13.61 -13.12 -7.08
N TRP C 76 13.81 -14.16 -6.26
CA TRP C 76 13.37 -15.53 -6.43
C TRP C 76 12.11 -15.57 -5.60
N ILE C 77 11.14 -16.36 -5.99
CA ILE C 77 9.89 -16.50 -5.25
C ILE C 77 9.87 -17.92 -4.66
N LYS C 78 9.25 -18.10 -3.46
CA LYS C 78 9.11 -19.39 -2.78
C LYS C 78 7.66 -19.48 -2.29
N VAL C 79 6.89 -20.42 -2.83
CA VAL C 79 5.48 -20.62 -2.44
C VAL C 79 5.33 -22.01 -1.82
N THR C 80 4.65 -22.10 -0.68
CA THR C 80 4.47 -23.36 0.04
C THR C 80 3.02 -23.48 0.49
N ASP C 81 2.56 -24.71 0.77
CA ASP C 81 1.22 -25.00 1.28
C ASP C 81 1.25 -26.31 2.06
N ASN C 82 0.31 -26.48 3.01
CA ASN C 82 0.26 -27.71 3.79
C ASN C 82 -0.80 -28.64 3.23
N GLY C 83 -0.90 -28.66 1.90
CA GLY C 83 -1.82 -29.50 1.18
C GLY C 83 -1.40 -30.95 1.19
N ARG C 84 -2.02 -31.73 0.29
CA ARG C 84 -1.78 -33.17 0.12
C ARG C 84 -0.48 -33.41 -0.63
N GLY C 85 -0.13 -32.43 -1.44
CA GLY C 85 1.06 -32.48 -2.26
C GLY C 85 0.67 -32.92 -3.65
N ILE C 86 1.40 -32.40 -4.65
CA ILE C 86 1.18 -32.70 -6.06
C ILE C 86 1.46 -34.20 -6.22
N PRO C 87 0.52 -34.99 -6.82
CA PRO C 87 0.77 -36.43 -6.99
C PRO C 87 2.08 -36.71 -7.73
N VAL C 88 2.76 -37.80 -7.33
CA VAL C 88 4.03 -38.20 -7.93
C VAL C 88 3.86 -39.48 -8.78
N ASP C 89 2.67 -40.13 -8.70
CA ASP C 89 2.35 -41.32 -9.49
C ASP C 89 2.64 -41.08 -10.97
N ILE C 90 3.16 -42.10 -11.70
CA ILE C 90 3.46 -41.95 -13.13
C ILE C 90 2.14 -41.98 -13.92
N GLN C 91 1.55 -40.78 -14.16
CA GLN C 91 0.27 -40.56 -14.86
C GLN C 91 0.08 -41.49 -16.07
N GLU C 92 -1.11 -42.13 -16.17
CA GLU C 92 -1.49 -43.10 -17.22
C GLU C 92 -1.45 -42.52 -18.65
N LYS C 93 -2.20 -41.41 -18.89
CA LYS C 93 -2.32 -40.71 -20.17
C LYS C 93 -0.98 -40.41 -20.84
N MET C 94 0.07 -40.13 -20.05
CA MET C 94 1.41 -39.80 -20.51
C MET C 94 2.46 -40.92 -20.28
N GLY C 95 2.82 -41.14 -19.00
CA GLY C 95 3.82 -42.13 -18.58
C GLY C 95 4.85 -41.55 -17.64
N ARG C 96 4.94 -40.20 -17.60
CA ARG C 96 5.84 -39.42 -16.76
C ARG C 96 5.21 -39.16 -15.36
N PRO C 97 5.98 -38.79 -14.29
CA PRO C 97 5.35 -38.55 -12.97
C PRO C 97 4.42 -37.33 -12.96
N ALA C 98 3.22 -37.45 -12.34
CA ALA C 98 2.15 -36.42 -12.26
C ALA C 98 2.64 -35.01 -11.95
N VAL C 99 3.71 -34.90 -11.13
CA VAL C 99 4.34 -33.64 -10.76
C VAL C 99 4.98 -32.97 -12.01
N GLU C 100 5.73 -33.75 -12.82
CA GLU C 100 6.38 -33.28 -14.05
C GLU C 100 5.36 -32.88 -15.12
N VAL C 101 4.16 -33.51 -15.07
CA VAL C 101 3.07 -33.28 -16.01
C VAL C 101 2.57 -31.81 -15.94
N ILE C 102 1.82 -31.42 -14.86
CA ILE C 102 1.26 -30.07 -14.63
C ILE C 102 2.25 -28.94 -14.85
N LEU C 103 3.53 -29.16 -14.50
CA LEU C 103 4.59 -28.16 -14.66
C LEU C 103 5.11 -28.01 -16.11
N THR C 104 4.76 -28.94 -17.03
CA THR C 104 5.22 -28.88 -18.44
C THR C 104 4.06 -28.69 -19.43
N VAL C 105 3.17 -29.69 -19.56
CA VAL C 105 2.04 -29.58 -20.49
C VAL C 105 1.08 -28.46 -20.04
N LEU C 106 1.02 -27.40 -20.86
CA LEU C 106 0.22 -26.19 -20.72
C LEU C 106 -1.27 -26.43 -20.43
N HIS C 107 -1.85 -25.55 -19.60
CA HIS C 107 -3.26 -25.52 -19.21
C HIS C 107 -3.82 -26.77 -18.49
N ALA C 108 -3.04 -27.50 -17.68
CA ALA C 108 -3.60 -28.67 -16.98
C ALA C 108 -4.62 -28.32 -15.83
N GLY C 109 -4.77 -29.20 -14.84
CA GLY C 109 -5.66 -29.01 -13.67
C GLY C 109 -7.12 -28.70 -13.93
N VAL C 126 -4.57 -20.45 -16.02
CA VAL C 126 -3.52 -20.65 -17.03
C VAL C 126 -2.58 -21.84 -16.68
N GLY C 127 -2.35 -22.10 -15.38
CA GLY C 127 -1.51 -23.19 -14.89
C GLY C 127 -0.04 -22.89 -14.64
N SER C 128 0.55 -23.65 -13.66
CA SER C 128 1.95 -23.58 -13.22
C SER C 128 2.96 -23.85 -14.34
N SER C 129 2.49 -24.52 -15.41
CA SER C 129 3.21 -24.84 -16.63
C SER C 129 3.70 -23.53 -17.23
N VAL C 130 2.78 -22.51 -17.33
CA VAL C 130 3.10 -21.16 -17.85
C VAL C 130 4.14 -20.47 -16.95
N VAL C 131 4.09 -20.72 -15.62
CA VAL C 131 5.05 -20.16 -14.66
C VAL C 131 6.44 -20.76 -14.93
N ASN C 132 6.53 -22.11 -15.01
CA ASN C 132 7.81 -22.79 -15.31
C ASN C 132 8.42 -22.38 -16.64
N ALA C 133 7.59 -22.30 -17.70
CA ALA C 133 8.00 -21.93 -19.04
C ALA C 133 8.60 -20.52 -19.07
N LEU C 134 7.96 -19.58 -18.31
CA LEU C 134 8.33 -18.16 -18.23
C LEU C 134 9.38 -17.82 -17.14
N SER C 135 9.91 -18.85 -16.45
CA SER C 135 10.93 -18.71 -15.41
C SER C 135 12.24 -19.29 -15.94
N GLN C 136 13.38 -18.64 -15.63
CA GLN C 136 14.70 -19.14 -16.03
C GLN C 136 15.12 -20.35 -15.21
N ASP C 137 14.56 -20.51 -13.99
CA ASP C 137 14.84 -21.61 -13.07
C ASP C 137 13.65 -21.84 -12.14
N LEU C 138 13.20 -23.10 -12.00
CA LEU C 138 12.09 -23.48 -11.13
C LEU C 138 12.39 -24.80 -10.40
N GLU C 139 12.10 -24.86 -9.10
CA GLU C 139 12.30 -26.05 -8.29
C GLU C 139 10.96 -26.50 -7.74
N VAL C 140 10.81 -27.80 -7.51
CA VAL C 140 9.60 -28.38 -6.94
C VAL C 140 9.96 -29.37 -5.86
N TYR C 141 9.26 -29.30 -4.74
CA TYR C 141 9.45 -30.20 -3.61
C TYR C 141 8.07 -30.66 -3.13
N VAL C 142 7.76 -31.93 -3.40
CA VAL C 142 6.50 -32.53 -3.00
C VAL C 142 6.76 -33.28 -1.70
N HIS C 143 5.88 -33.10 -0.68
CA HIS C 143 5.98 -33.80 0.63
C HIS C 143 4.80 -34.78 0.72
N ARG C 144 4.91 -35.87 -0.06
CA ARG C 144 3.96 -36.99 -0.20
C ARG C 144 4.60 -38.30 0.26
N ASN C 145 3.75 -39.32 0.56
CA ASN C 145 4.18 -40.67 1.01
C ASN C 145 5.33 -40.62 2.04
N GLU C 146 5.20 -39.73 3.05
CA GLU C 146 6.15 -39.46 4.14
C GLU C 146 7.59 -39.13 3.66
N THR C 147 7.82 -38.98 2.34
CA THR C 147 9.14 -38.68 1.76
C THR C 147 9.16 -37.37 0.94
N ILE C 148 10.35 -36.97 0.47
CA ILE C 148 10.52 -35.74 -0.30
C ILE C 148 10.97 -36.06 -1.73
N TYR C 149 10.23 -35.54 -2.71
CA TYR C 149 10.52 -35.70 -4.13
C TYR C 149 10.96 -34.33 -4.59
N HIS C 150 11.82 -34.25 -5.62
CA HIS C 150 12.29 -32.96 -6.14
C HIS C 150 12.69 -33.01 -7.61
N GLN C 151 12.40 -31.91 -8.32
CA GLN C 151 12.73 -31.75 -9.73
C GLN C 151 12.99 -30.30 -10.05
N ALA C 152 14.12 -30.02 -10.69
CA ALA C 152 14.51 -28.67 -11.06
C ALA C 152 14.36 -28.52 -12.56
N TYR C 153 13.97 -27.32 -13.02
CA TYR C 153 13.80 -27.00 -14.44
C TYR C 153 14.62 -25.76 -14.81
N LYS C 154 14.66 -25.42 -16.11
CA LYS C 154 15.35 -24.28 -16.71
C LYS C 154 14.54 -23.93 -17.95
N LYS C 155 13.93 -22.73 -17.96
CA LYS C 155 13.09 -22.23 -19.05
C LYS C 155 11.85 -23.12 -19.39
N GLY C 156 11.61 -24.16 -18.59
CA GLY C 156 10.48 -25.06 -18.78
C GLY C 156 10.80 -26.52 -19.01
N VAL C 157 12.10 -26.84 -19.24
CA VAL C 157 12.55 -28.22 -19.50
C VAL C 157 13.32 -28.80 -18.31
N PRO C 158 12.91 -30.00 -17.80
CA PRO C 158 13.62 -30.60 -16.64
C PRO C 158 15.13 -30.74 -16.79
N GLN C 159 15.85 -30.77 -15.66
CA GLN C 159 17.30 -30.90 -15.67
C GLN C 159 17.73 -32.31 -15.24
N PHE C 160 16.75 -33.10 -14.77
CA PHE C 160 16.88 -34.49 -14.29
C PHE C 160 15.49 -35.06 -13.96
N ASP C 161 15.35 -36.42 -13.98
CA ASP C 161 14.11 -37.14 -13.66
C ASP C 161 13.77 -36.91 -12.18
N LEU C 162 12.47 -36.95 -11.82
CA LEU C 162 12.06 -36.72 -10.43
C LEU C 162 12.79 -37.66 -9.43
N LYS C 163 13.58 -37.05 -8.54
CA LYS C 163 14.37 -37.73 -7.51
C LYS C 163 13.63 -37.80 -6.17
N GLU C 164 14.27 -38.44 -5.17
CA GLU C 164 13.83 -38.59 -3.79
C GLU C 164 15.03 -38.11 -2.96
N VAL C 165 14.91 -36.92 -2.35
CA VAL C 165 16.04 -36.33 -1.61
C VAL C 165 15.83 -36.27 -0.06
N GLY C 166 14.94 -37.10 0.49
CA GLY C 166 14.73 -37.13 1.94
C GLY C 166 13.44 -37.74 2.44
N THR C 167 13.28 -37.74 3.77
CA THR C 167 12.10 -38.25 4.48
C THR C 167 11.53 -37.07 5.31
N THR C 168 10.18 -36.97 5.45
CA THR C 168 9.52 -35.85 6.16
C THR C 168 8.34 -36.23 7.09
N ASP C 169 8.12 -35.36 8.09
CA ASP C 169 7.03 -35.46 9.08
C ASP C 169 5.80 -34.72 8.52
N LYS C 170 6.04 -33.58 7.81
CA LYS C 170 5.08 -32.68 7.18
C LYS C 170 4.49 -33.19 5.83
N THR C 171 3.49 -32.46 5.27
CA THR C 171 2.79 -32.74 4.01
C THR C 171 2.59 -31.46 3.19
N GLY C 172 2.68 -31.53 1.85
CA GLY C 172 2.48 -30.37 0.99
C GLY C 172 3.44 -30.08 -0.15
N THR C 173 3.11 -29.07 -0.98
CA THR C 173 3.92 -28.67 -2.16
C THR C 173 4.73 -27.41 -1.93
N VAL C 174 5.98 -27.39 -2.46
CA VAL C 174 6.96 -26.28 -2.38
C VAL C 174 7.42 -25.85 -3.79
N ILE C 175 7.01 -24.68 -4.24
CA ILE C 175 7.44 -24.22 -5.55
C ILE C 175 8.32 -22.98 -5.43
N ARG C 176 9.56 -23.08 -5.94
CA ARG C 176 10.50 -21.98 -5.99
C ARG C 176 10.72 -21.66 -7.47
N PHE C 177 10.83 -20.39 -7.84
CA PHE C 177 11.04 -19.98 -9.23
C PHE C 177 11.69 -18.62 -9.35
N LYS C 178 12.45 -18.42 -10.43
CA LYS C 178 13.10 -17.17 -10.76
C LYS C 178 12.61 -16.84 -12.15
N ALA C 179 11.94 -15.69 -12.30
CA ALA C 179 11.42 -15.19 -13.58
C ALA C 179 12.54 -15.04 -14.61
N ASP C 180 12.25 -15.38 -15.88
CA ASP C 180 13.23 -15.28 -16.96
C ASP C 180 13.49 -13.84 -17.30
N GLY C 181 14.75 -13.41 -17.08
CA GLY C 181 15.23 -12.07 -17.35
C GLY C 181 15.17 -11.67 -18.81
N GLU C 182 14.98 -12.68 -19.71
CA GLU C 182 14.88 -12.56 -21.16
C GLU C 182 13.45 -12.14 -21.56
N ILE C 183 12.43 -12.72 -20.89
CA ILE C 183 10.99 -12.48 -21.10
C ILE C 183 10.52 -11.19 -20.41
N PHE C 184 10.82 -11.02 -19.11
CA PHE C 184 10.42 -9.85 -18.33
C PHE C 184 11.57 -8.88 -18.44
N THR C 185 11.62 -8.25 -19.61
CA THR C 185 12.66 -7.31 -20.03
C THR C 185 12.67 -6.00 -19.21
N GLU C 186 11.48 -5.42 -18.90
CA GLU C 186 11.36 -4.15 -18.14
C GLU C 186 11.96 -4.22 -16.73
N THR C 187 11.45 -5.14 -15.89
CA THR C 187 11.91 -5.36 -14.52
C THR C 187 11.71 -6.79 -14.10
N THR C 188 12.55 -7.22 -13.17
CA THR C 188 12.55 -8.56 -12.60
C THR C 188 12.59 -8.44 -11.06
N VAL C 189 12.09 -7.31 -10.52
CA VAL C 189 12.03 -6.95 -9.10
C VAL C 189 10.57 -6.90 -8.61
N TYR C 190 10.29 -7.62 -7.53
CA TYR C 190 8.95 -7.68 -6.96
C TYR C 190 8.64 -6.53 -6.05
N ASN C 191 7.37 -6.12 -6.01
CA ASN C 191 7.00 -5.04 -5.12
C ASN C 191 6.23 -5.62 -3.96
N TYR C 192 6.76 -5.46 -2.73
CA TYR C 192 6.12 -5.98 -1.52
C TYR C 192 4.66 -5.54 -1.41
N GLU C 193 4.42 -4.22 -1.56
CA GLU C 193 3.10 -3.61 -1.48
C GLU C 193 2.12 -4.26 -2.45
N THR C 194 2.49 -4.39 -3.78
CA THR C 194 1.67 -5.01 -4.85
C THR C 194 1.15 -6.39 -4.38
N LEU C 195 2.06 -7.18 -3.79
CA LEU C 195 1.83 -8.51 -3.30
C LEU C 195 0.96 -8.53 -2.05
N GLN C 196 1.22 -7.65 -1.04
CA GLN C 196 0.40 -7.63 0.17
C GLN C 196 -1.01 -7.16 -0.09
N GLN C 197 -1.15 -6.21 -1.04
CA GLN C 197 -2.41 -5.63 -1.49
C GLN C 197 -3.34 -6.75 -2.01
N ARG C 198 -2.79 -7.74 -2.73
CA ARG C 198 -3.56 -8.90 -3.22
C ARG C 198 -3.55 -10.11 -2.25
N ILE C 199 -2.48 -10.29 -1.47
CA ILE C 199 -2.41 -11.39 -0.53
C ILE C 199 -3.46 -11.20 0.59
N ARG C 200 -3.66 -9.94 1.07
CA ARG C 200 -4.63 -9.56 2.10
C ARG C 200 -6.05 -9.71 1.56
N GLU C 201 -6.22 -9.69 0.24
CA GLU C 201 -7.52 -9.85 -0.40
C GLU C 201 -7.87 -11.32 -0.51
N LEU C 202 -6.92 -12.14 -0.89
CA LEU C 202 -7.12 -13.56 -0.95
C LEU C 202 -7.54 -14.15 0.37
N ALA C 203 -6.83 -13.75 1.41
CA ALA C 203 -7.06 -14.21 2.75
C ALA C 203 -8.38 -13.80 3.26
N PHE C 204 -8.78 -12.59 2.94
CA PHE C 204 -10.07 -12.07 3.29
C PHE C 204 -11.22 -12.78 2.60
N LEU C 205 -11.06 -13.03 1.32
CA LEU C 205 -12.08 -13.70 0.54
C LEU C 205 -12.30 -15.13 0.90
N ASN C 206 -11.22 -15.83 1.15
CA ASN C 206 -11.30 -17.21 1.54
C ASN C 206 -10.99 -17.27 3.01
N LYS C 207 -12.00 -17.32 3.85
CA LYS C 207 -11.78 -17.22 5.27
C LYS C 207 -11.16 -18.47 5.84
N GLY C 208 -10.46 -18.33 6.94
CA GLY C 208 -9.84 -19.48 7.60
C GLY C 208 -8.51 -19.99 7.06
N ILE C 209 -8.12 -19.63 5.87
CA ILE C 209 -6.82 -20.03 5.43
C ILE C 209 -5.80 -18.94 5.69
N GLN C 210 -4.67 -19.32 6.26
CA GLN C 210 -3.58 -18.43 6.66
C GLN C 210 -2.58 -18.20 5.54
N ILE C 211 -2.47 -16.93 5.10
CA ILE C 211 -1.55 -16.53 4.03
C ILE C 211 -0.51 -15.54 4.60
N THR C 212 0.78 -15.95 4.56
CA THR C 212 1.95 -15.19 5.03
C THR C 212 2.87 -14.77 3.88
N LEU C 213 3.27 -13.50 3.89
CA LEU C 213 4.17 -12.87 2.92
C LEU C 213 5.46 -12.41 3.64
N ARG C 214 6.66 -12.86 3.19
CA ARG C 214 7.98 -12.48 3.75
C ARG C 214 8.90 -11.81 2.71
N ASP C 215 9.72 -10.84 3.14
CA ASP C 215 10.69 -10.23 2.23
C ASP C 215 12.07 -10.48 2.79
N GLU C 216 12.71 -11.50 2.25
CA GLU C 216 14.05 -11.95 2.61
C GLU C 216 15.20 -11.31 1.82
N ARG C 217 14.88 -10.58 0.73
CA ARG C 217 15.85 -9.92 -0.13
C ARG C 217 16.90 -9.20 0.66
N ASP C 218 16.52 -8.39 1.68
CA ASP C 218 17.45 -7.70 2.58
C ASP C 218 17.61 -8.56 3.86
N GLU C 219 18.83 -9.11 4.05
CA GLU C 219 19.11 -9.97 5.20
C GLU C 219 19.28 -9.18 6.52
N GLU C 220 19.31 -7.85 6.43
CA GLU C 220 19.45 -6.99 7.61
C GLU C 220 18.11 -6.36 8.01
N ASN C 221 17.04 -6.64 7.23
CA ASN C 221 15.66 -6.19 7.43
C ASN C 221 14.68 -7.19 6.78
N VAL C 222 14.03 -8.03 7.60
CA VAL C 222 13.07 -9.00 7.11
C VAL C 222 11.65 -8.61 7.50
N ARG C 223 10.88 -8.11 6.51
CA ARG C 223 9.47 -7.70 6.60
C ARG C 223 8.59 -8.96 6.42
N GLU C 224 7.55 -9.10 7.23
CA GLU C 224 6.65 -10.25 7.17
C GLU C 224 5.23 -9.83 7.57
N ASP C 225 4.23 -10.17 6.73
CA ASP C 225 2.83 -9.85 6.96
C ASP C 225 2.01 -11.14 6.94
N SER C 226 1.31 -11.46 8.04
CA SER C 226 0.52 -12.68 8.14
C SER C 226 -0.99 -12.43 8.23
N TYR C 227 -1.73 -12.92 7.23
CA TYR C 227 -3.18 -12.77 7.10
C TYR C 227 -4.01 -14.07 7.31
N HIS C 228 -4.81 -14.12 8.40
CA HIS C 228 -5.68 -15.25 8.74
C HIS C 228 -7.05 -14.71 9.23
N TYR C 229 -8.05 -14.73 8.32
CA TYR C 229 -9.39 -14.22 8.58
C TYR C 229 -10.34 -15.32 9.07
N GLU C 230 -10.48 -15.48 10.40
CA GLU C 230 -11.35 -16.49 11.01
C GLU C 230 -12.74 -16.47 10.39
N GLY C 231 -13.23 -15.26 10.13
CA GLY C 231 -14.54 -14.97 9.55
C GLY C 231 -14.70 -13.48 9.33
N GLU D 26 0.21 0.91 -39.70
CA GLU D 26 -0.73 -0.17 -39.38
C GLU D 26 0.01 -1.40 -38.82
N ALA D 27 1.29 -1.54 -39.21
CA ALA D 27 2.17 -2.60 -38.76
C ALA D 27 2.71 -2.20 -37.38
N ALA D 28 2.70 -0.87 -37.10
CA ALA D 28 3.14 -0.28 -35.83
C ALA D 28 2.07 -0.60 -34.81
N ARG D 29 0.80 -0.49 -35.22
CA ARG D 29 -0.37 -0.79 -34.39
C ARG D 29 -0.49 -2.29 -34.08
N LYS D 30 -0.22 -3.17 -35.08
CA LYS D 30 -0.28 -4.63 -34.94
C LYS D 30 0.81 -5.19 -34.02
N ARG D 31 2.05 -4.66 -34.13
CA ARG D 31 3.21 -5.05 -33.32
C ARG D 31 3.89 -3.79 -32.68
N PRO D 32 3.30 -3.18 -31.62
CA PRO D 32 3.91 -1.98 -31.03
C PRO D 32 5.13 -2.24 -30.16
N GLY D 33 5.32 -3.49 -29.72
CA GLY D 33 6.48 -3.87 -28.92
C GLY D 33 7.75 -3.85 -29.77
N MET D 34 7.59 -4.04 -31.10
CA MET D 34 8.69 -4.05 -32.06
C MET D 34 9.05 -2.63 -32.52
N TYR D 35 8.12 -1.68 -32.39
CA TYR D 35 8.35 -0.29 -32.82
C TYR D 35 8.74 0.68 -31.70
N ILE D 36 7.93 0.75 -30.63
CA ILE D 36 8.17 1.65 -29.49
C ILE D 36 8.89 0.90 -28.35
N GLY D 37 9.07 -0.42 -28.52
CA GLY D 37 9.76 -1.27 -27.55
C GLY D 37 8.90 -1.88 -26.46
N SER D 38 7.82 -1.19 -26.02
CA SER D 38 6.94 -1.65 -24.95
C SER D 38 5.55 -1.04 -25.05
N THR D 39 4.51 -1.77 -24.56
CA THR D 39 3.12 -1.28 -24.56
C THR D 39 2.65 -0.83 -23.15
N SER D 40 3.55 -0.91 -22.14
CA SER D 40 3.28 -0.52 -20.74
C SER D 40 3.51 0.99 -20.46
N GLU D 41 3.79 1.38 -19.19
CA GLU D 41 4.07 2.76 -18.79
C GLU D 41 5.41 3.21 -19.39
N ARG D 42 6.41 2.29 -19.45
CA ARG D 42 7.73 2.59 -20.02
C ARG D 42 7.59 3.02 -21.48
N GLY D 43 6.73 2.28 -22.21
CA GLY D 43 6.47 2.52 -23.62
C GLY D 43 5.59 3.70 -23.91
N LEU D 44 4.73 4.05 -22.92
CA LEU D 44 3.81 5.18 -22.98
C LEU D 44 4.64 6.47 -22.94
N HIS D 45 5.64 6.53 -22.05
CA HIS D 45 6.53 7.69 -21.95
C HIS D 45 7.40 7.84 -23.20
N HIS D 46 7.79 6.69 -23.82
CA HIS D 46 8.59 6.62 -25.05
C HIS D 46 7.92 7.37 -26.24
N LEU D 47 6.58 7.62 -26.16
CA LEU D 47 5.85 8.37 -27.19
C LEU D 47 6.19 9.85 -27.06
N VAL D 48 6.39 10.35 -25.82
CA VAL D 48 6.75 11.75 -25.59
C VAL D 48 8.19 11.98 -26.03
N TRP D 49 9.09 11.03 -25.72
CA TRP D 49 10.51 11.05 -26.09
C TRP D 49 10.71 11.16 -27.59
N GLU D 50 9.89 10.46 -28.38
CA GLU D 50 9.96 10.48 -29.83
C GLU D 50 9.45 11.81 -30.40
N ILE D 51 8.55 12.54 -29.71
CA ILE D 51 8.13 13.84 -30.24
C ILE D 51 9.19 14.85 -29.82
N VAL D 52 9.61 14.79 -28.54
CA VAL D 52 10.62 15.68 -27.97
C VAL D 52 11.88 15.65 -28.84
N ASP D 53 12.39 14.44 -29.18
CA ASP D 53 13.59 14.24 -29.98
C ASP D 53 13.54 14.88 -31.37
N ASN D 54 12.32 15.11 -31.92
CA ASN D 54 12.12 15.76 -33.21
C ASN D 54 12.38 17.24 -33.06
N SER D 55 12.01 17.81 -31.90
CA SER D 55 12.25 19.22 -31.61
C SER D 55 13.74 19.47 -31.28
N ILE D 56 14.43 18.43 -30.77
CA ILE D 56 15.86 18.47 -30.43
C ILE D 56 16.67 18.52 -31.75
N ASP D 57 16.22 17.75 -32.79
CA ASP D 57 16.84 17.68 -34.11
C ASP D 57 16.81 19.07 -34.75
N GLU D 58 15.65 19.79 -34.62
CA GLU D 58 15.51 21.15 -35.14
C GLU D 58 16.45 22.10 -34.41
N ALA D 59 16.55 21.93 -33.09
CA ALA D 59 17.39 22.74 -32.22
C ALA D 59 18.87 22.55 -32.51
N LEU D 60 19.31 21.33 -32.70
CA LEU D 60 20.69 21.07 -32.98
C LEU D 60 21.12 21.60 -34.33
N ALA D 61 20.18 21.69 -35.24
CA ALA D 61 20.36 22.28 -36.58
C ALA D 61 20.38 23.83 -36.48
N GLY D 62 20.06 24.35 -35.30
CA GLY D 62 20.06 25.78 -34.98
C GLY D 62 18.80 26.56 -35.27
N TYR D 63 17.62 25.94 -35.15
CA TYR D 63 16.39 26.67 -35.44
C TYR D 63 15.48 26.81 -34.22
N ALA D 64 15.52 25.82 -33.31
CA ALA D 64 14.75 25.86 -32.09
C ALA D 64 15.67 26.16 -30.93
N ASN D 65 15.21 26.99 -29.99
CA ASN D 65 15.95 27.38 -28.79
C ASN D 65 15.03 27.25 -27.56
N GLN D 66 13.74 27.00 -27.83
CA GLN D 66 12.67 26.79 -26.86
C GLN D 66 11.87 25.55 -27.24
N ILE D 67 11.50 24.75 -26.23
CA ILE D 67 10.71 23.53 -26.32
C ILE D 67 9.80 23.53 -25.09
N GLU D 68 8.57 23.06 -25.26
CA GLU D 68 7.62 23.01 -24.16
C GLU D 68 6.80 21.75 -24.29
N VAL D 69 6.76 20.97 -23.21
CA VAL D 69 6.04 19.72 -23.06
C VAL D 69 4.98 19.95 -21.97
N VAL D 70 3.69 19.77 -22.34
CA VAL D 70 2.55 19.95 -21.43
C VAL D 70 1.70 18.65 -21.27
N ILE D 71 1.43 18.23 -20.01
CA ILE D 71 0.59 17.08 -19.71
C ILE D 71 -0.74 17.77 -19.45
N GLU D 72 -1.71 17.58 -20.35
CA GLU D 72 -3.02 18.24 -20.28
C GLU D 72 -4.11 17.33 -19.73
N LYS D 73 -5.35 17.87 -19.56
CA LYS D 73 -6.49 17.10 -19.08
C LYS D 73 -6.75 15.96 -20.07
N ASP D 74 -7.40 14.85 -19.60
CA ASP D 74 -7.68 13.66 -20.44
C ASP D 74 -6.32 12.93 -20.73
N ASN D 75 -5.21 13.36 -20.06
CA ASN D 75 -3.84 12.83 -20.18
C ASN D 75 -3.28 12.88 -21.61
N TRP D 76 -3.48 14.04 -22.24
CA TRP D 76 -3.02 14.43 -23.57
C TRP D 76 -1.64 15.04 -23.40
N ILE D 77 -0.78 14.88 -24.39
CA ILE D 77 0.53 15.47 -24.35
C ILE D 77 0.59 16.57 -25.41
N LYS D 78 1.17 17.76 -25.08
CA LYS D 78 1.31 18.86 -26.02
C LYS D 78 2.78 19.24 -26.10
N VAL D 79 3.43 19.02 -27.25
CA VAL D 79 4.83 19.37 -27.45
C VAL D 79 4.91 20.57 -28.41
N THR D 80 5.77 21.53 -28.11
CA THR D 80 5.90 22.73 -28.92
C THR D 80 7.36 23.14 -28.98
N ASP D 81 7.78 23.73 -30.10
CA ASP D 81 9.12 24.24 -30.30
C ASP D 81 9.01 25.53 -31.08
N ASN D 82 10.01 26.40 -30.96
CA ASN D 82 10.01 27.66 -31.68
C ASN D 82 10.92 27.63 -32.89
N GLY D 83 11.12 26.44 -33.43
CA GLY D 83 11.96 26.26 -34.61
C GLY D 83 11.20 26.69 -35.84
N ARG D 84 11.59 26.18 -37.00
CA ARG D 84 10.89 26.48 -38.22
C ARG D 84 9.75 25.48 -38.21
N GLY D 85 8.74 25.72 -39.02
CA GLY D 85 7.63 24.79 -39.10
C GLY D 85 8.06 23.54 -39.84
N ILE D 86 7.31 22.43 -39.70
CA ILE D 86 7.66 21.24 -40.46
C ILE D 86 7.16 21.63 -41.85
N PRO D 87 8.00 21.55 -42.90
CA PRO D 87 7.55 22.01 -44.23
C PRO D 87 6.16 21.55 -44.66
N VAL D 88 5.50 22.42 -45.42
CA VAL D 88 4.15 22.23 -45.95
C VAL D 88 4.21 22.03 -47.50
N ASP D 89 5.33 22.45 -48.13
CA ASP D 89 5.63 22.37 -49.56
C ASP D 89 5.42 20.93 -50.08
N ILE D 90 4.19 20.65 -50.56
CA ILE D 90 3.66 19.39 -51.08
C ILE D 90 4.72 18.61 -51.88
N GLN D 91 5.00 17.36 -51.46
CA GLN D 91 5.98 16.50 -52.12
C GLN D 91 5.28 15.69 -53.22
N GLU D 92 5.91 15.64 -54.40
CA GLU D 92 5.37 14.90 -55.55
C GLU D 92 5.64 13.41 -55.37
N LYS D 93 6.79 13.07 -54.71
CA LYS D 93 7.25 11.72 -54.41
C LYS D 93 6.19 10.92 -53.65
N MET D 94 5.53 11.56 -52.65
CA MET D 94 4.46 10.97 -51.84
C MET D 94 3.10 11.29 -52.47
N GLY D 95 2.67 12.55 -52.35
CA GLY D 95 1.41 13.05 -52.91
C GLY D 95 0.75 14.16 -52.10
N ARG D 96 0.52 13.89 -50.81
CA ARG D 96 -0.11 14.80 -49.85
C ARG D 96 0.88 15.95 -49.36
N PRO D 97 0.49 16.94 -48.48
CA PRO D 97 1.46 17.98 -48.07
C PRO D 97 2.62 17.45 -47.20
N ALA D 98 3.81 18.07 -47.30
CA ALA D 98 5.07 17.70 -46.62
C ALA D 98 4.98 17.45 -45.09
N VAL D 99 3.88 17.83 -44.44
CA VAL D 99 3.69 17.60 -43.00
C VAL D 99 2.79 16.34 -42.76
N GLU D 100 1.92 16.01 -43.73
CA GLU D 100 1.05 14.84 -43.67
C GLU D 100 1.89 13.57 -43.91
N VAL D 101 3.01 13.73 -44.64
CA VAL D 101 3.96 12.66 -44.99
C VAL D 101 4.52 11.98 -43.72
N ILE D 102 5.46 12.67 -43.02
CA ILE D 102 6.17 12.28 -41.78
C ILE D 102 5.28 11.67 -40.70
N LEU D 103 4.03 12.10 -40.62
CA LEU D 103 3.09 11.59 -39.62
C LEU D 103 2.31 10.32 -40.08
N THR D 104 2.26 10.01 -41.41
CA THR D 104 1.54 8.83 -41.94
C THR D 104 2.44 7.80 -42.66
N VAL D 105 3.74 8.09 -42.83
CA VAL D 105 4.66 7.13 -43.43
C VAL D 105 5.73 6.81 -42.39
N LEU D 106 5.70 5.57 -41.89
CA LEU D 106 6.60 5.04 -40.86
C LEU D 106 8.10 5.24 -41.20
N HIS D 107 8.87 5.71 -40.20
CA HIS D 107 10.32 5.99 -40.23
C HIS D 107 10.78 7.19 -41.10
N ALA D 108 9.84 7.91 -41.76
CA ALA D 108 10.20 9.05 -42.61
C ALA D 108 10.80 10.22 -41.80
N GLY D 109 11.95 10.72 -42.23
CA GLY D 109 12.68 11.82 -41.58
C GLY D 109 14.15 11.53 -41.32
N VAL D 126 10.98 4.61 -34.15
CA VAL D 126 11.41 5.96 -34.54
C VAL D 126 10.44 6.62 -35.54
N GLY D 127 10.30 7.94 -35.41
CA GLY D 127 9.43 8.75 -36.25
C GLY D 127 8.09 9.08 -35.62
N SER D 128 7.65 10.36 -35.77
CA SER D 128 6.39 10.91 -35.28
C SER D 128 5.18 10.13 -35.81
N SER D 129 5.43 9.31 -36.85
CA SER D 129 4.51 8.40 -37.53
C SER D 129 4.03 7.34 -36.55
N VAL D 130 4.96 6.68 -35.78
CA VAL D 130 4.58 5.65 -34.77
C VAL D 130 3.79 6.30 -33.63
N VAL D 131 4.19 7.51 -33.19
CA VAL D 131 3.49 8.26 -32.14
C VAL D 131 2.07 8.56 -32.66
N ASN D 132 1.94 8.88 -33.97
CA ASN D 132 0.65 9.16 -34.58
C ASN D 132 -0.22 7.92 -34.70
N ALA D 133 0.38 6.79 -35.12
CA ALA D 133 -0.29 5.51 -35.29
C ALA D 133 -0.83 4.99 -33.94
N LEU D 134 0.03 5.07 -32.89
CA LEU D 134 -0.22 4.60 -31.53
C LEU D 134 -1.11 5.55 -30.71
N SER D 135 -1.52 6.70 -31.32
CA SER D 135 -2.38 7.69 -30.68
C SER D 135 -3.84 7.56 -31.18
N GLN D 136 -4.80 7.59 -30.26
CA GLN D 136 -6.21 7.54 -30.65
C GLN D 136 -6.62 8.81 -31.37
N ASP D 137 -5.93 9.94 -31.05
CA ASP D 137 -6.10 11.28 -31.61
C ASP D 137 -4.78 11.99 -31.58
N LEU D 138 -4.51 12.83 -32.61
CA LEU D 138 -3.30 13.63 -32.72
C LEU D 138 -3.58 14.84 -33.59
N GLU D 139 -3.18 16.03 -33.12
CA GLU D 139 -3.34 17.29 -33.82
C GLU D 139 -1.95 17.79 -34.19
N VAL D 140 -1.87 18.64 -35.21
CA VAL D 140 -0.64 19.25 -35.66
C VAL D 140 -0.94 20.69 -36.03
N TYR D 141 -0.02 21.60 -35.71
CA TYR D 141 -0.13 23.03 -36.00
C TYR D 141 1.26 23.52 -36.40
N VAL D 142 1.40 23.89 -37.68
CA VAL D 142 2.65 24.39 -38.22
C VAL D 142 2.56 25.93 -38.37
N HIS D 143 3.63 26.65 -37.92
CA HIS D 143 3.76 28.11 -38.00
C HIS D 143 4.91 28.44 -38.96
N ARG D 144 4.57 28.41 -40.25
CA ARG D 144 5.42 28.64 -41.42
C ARG D 144 4.73 29.66 -42.33
N ASN D 145 5.53 30.38 -43.18
CA ASN D 145 5.05 31.38 -44.13
C ASN D 145 4.02 32.35 -43.47
N GLU D 146 4.28 32.73 -42.18
CA GLU D 146 3.46 33.62 -41.35
C GLU D 146 2.00 33.14 -41.24
N THR D 147 1.71 31.91 -41.69
CA THR D 147 0.37 31.30 -41.71
C THR D 147 0.30 30.10 -40.71
N ILE D 148 -0.91 29.70 -40.30
CA ILE D 148 -1.11 28.57 -39.40
C ILE D 148 -1.84 27.44 -40.11
N TYR D 149 -1.16 26.33 -40.29
CA TYR D 149 -1.71 25.15 -40.93
C TYR D 149 -2.24 24.23 -39.84
N HIS D 150 -3.05 23.21 -40.18
CA HIS D 150 -3.60 22.28 -39.19
C HIS D 150 -4.09 21.00 -39.82
N GLN D 151 -4.04 19.89 -39.03
CA GLN D 151 -4.50 18.55 -39.43
C GLN D 151 -4.65 17.62 -38.22
N ALA D 152 -5.85 17.02 -38.04
CA ALA D 152 -6.14 16.09 -36.96
C ALA D 152 -6.13 14.65 -37.50
N TYR D 153 -5.80 13.65 -36.65
CA TYR D 153 -5.74 12.22 -37.02
C TYR D 153 -6.50 11.42 -35.95
N LYS D 154 -6.72 10.10 -36.21
CA LYS D 154 -7.40 9.14 -35.32
C LYS D 154 -6.85 7.75 -35.65
N LYS D 155 -5.80 7.34 -34.92
CA LYS D 155 -5.09 6.06 -35.09
C LYS D 155 -4.27 6.06 -36.39
N GLY D 156 -3.72 7.23 -36.73
CA GLY D 156 -2.91 7.43 -37.93
C GLY D 156 -3.67 8.02 -39.11
N VAL D 157 -4.96 7.68 -39.24
CA VAL D 157 -5.81 8.14 -40.36
C VAL D 157 -6.20 9.64 -40.26
N PRO D 158 -5.70 10.51 -41.20
CA PRO D 158 -6.06 11.94 -41.14
C PRO D 158 -7.56 12.17 -41.31
N GLN D 159 -8.20 12.86 -40.34
CA GLN D 159 -9.64 13.15 -40.37
C GLN D 159 -10.05 14.16 -41.45
N PHE D 160 -9.07 14.88 -42.02
CA PHE D 160 -9.23 15.88 -43.08
C PHE D 160 -7.87 16.25 -43.70
N ASP D 161 -7.89 17.02 -44.79
CA ASP D 161 -6.67 17.47 -45.50
C ASP D 161 -6.09 18.68 -44.77
N LEU D 162 -4.77 18.91 -44.92
CA LEU D 162 -4.10 20.04 -44.28
C LEU D 162 -4.71 21.34 -44.77
N LYS D 163 -5.33 22.09 -43.85
CA LYS D 163 -6.00 23.35 -44.13
C LYS D 163 -5.35 24.53 -43.37
N GLU D 164 -6.04 25.71 -43.31
CA GLU D 164 -5.53 26.91 -42.62
C GLU D 164 -6.53 27.38 -41.55
N VAL D 165 -6.07 27.50 -40.28
CA VAL D 165 -6.93 27.91 -39.15
C VAL D 165 -6.70 29.37 -38.69
N GLY D 166 -5.69 30.06 -39.26
CA GLY D 166 -5.37 31.44 -38.94
C GLY D 166 -4.04 31.90 -39.49
N THR D 167 -3.57 33.08 -39.05
CA THR D 167 -2.27 33.66 -39.44
C THR D 167 -1.41 33.91 -38.19
N THR D 168 -0.05 33.88 -38.32
CA THR D 168 0.87 34.06 -37.17
C THR D 168 2.10 35.00 -37.34
N ASP D 169 2.50 35.63 -36.21
CA ASP D 169 3.66 36.51 -36.09
C ASP D 169 4.87 35.63 -35.74
N LYS D 170 4.63 34.54 -34.97
CA LYS D 170 5.57 33.53 -34.47
C LYS D 170 5.94 32.40 -35.47
N THR D 171 6.90 31.53 -35.07
CA THR D 171 7.42 30.38 -35.84
C THR D 171 7.46 29.10 -34.96
N GLY D 172 7.20 27.93 -35.54
CA GLY D 172 7.26 26.69 -34.77
C GLY D 172 6.33 25.54 -35.11
N THR D 173 6.37 24.47 -34.27
CA THR D 173 5.55 23.26 -34.45
C THR D 173 4.76 22.93 -33.18
N VAL D 174 3.53 22.38 -33.32
CA VAL D 174 2.64 22.02 -32.20
C VAL D 174 2.03 20.61 -32.35
N ILE D 175 2.59 19.62 -31.65
CA ILE D 175 2.01 18.29 -31.71
C ILE D 175 1.23 18.02 -30.41
N ARG D 176 -0.07 17.77 -30.54
CA ARG D 176 -0.96 17.43 -29.42
C ARG D 176 -1.41 16.00 -29.64
N PHE D 177 -1.03 15.08 -28.77
CA PHE D 177 -1.44 13.69 -28.98
C PHE D 177 -2.03 13.05 -27.75
N LYS D 178 -3.00 12.15 -27.98
CA LYS D 178 -3.63 11.38 -26.95
C LYS D 178 -3.34 9.92 -27.27
N ALA D 179 -2.54 9.26 -26.44
CA ALA D 179 -2.17 7.86 -26.59
C ALA D 179 -3.44 6.98 -26.63
N ASP D 180 -3.42 5.96 -27.51
CA ASP D 180 -4.54 5.04 -27.68
C ASP D 180 -4.55 3.99 -26.58
N GLY D 181 -5.54 4.09 -25.69
CA GLY D 181 -5.77 3.17 -24.57
C GLY D 181 -6.20 1.78 -25.01
N GLU D 182 -6.23 1.55 -26.34
CA GLU D 182 -6.56 0.29 -26.97
C GLU D 182 -5.25 -0.50 -27.20
N ILE D 183 -4.08 0.21 -27.08
CA ILE D 183 -2.71 -0.29 -27.24
C ILE D 183 -2.02 -0.37 -25.86
N PHE D 184 -2.06 0.73 -25.09
CA PHE D 184 -1.49 0.84 -23.75
C PHE D 184 -2.63 0.54 -22.80
N THR D 185 -2.81 -0.76 -22.58
CA THR D 185 -3.87 -1.32 -21.74
C THR D 185 -3.54 -1.28 -20.25
N GLU D 186 -2.26 -1.16 -19.87
CA GLU D 186 -1.92 -1.10 -18.44
C GLU D 186 -2.15 0.26 -17.86
N THR D 187 -1.61 1.32 -18.49
CA THR D 187 -1.80 2.69 -18.01
C THR D 187 -1.83 3.68 -19.20
N THR D 188 -2.65 4.72 -19.01
CA THR D 188 -2.90 5.84 -19.92
C THR D 188 -2.23 7.08 -19.34
N VAL D 189 -2.06 7.07 -18.00
CA VAL D 189 -1.52 8.13 -17.13
C VAL D 189 0.02 8.34 -17.21
N TYR D 190 0.45 9.61 -17.40
CA TYR D 190 1.87 9.98 -17.45
C TYR D 190 2.40 10.27 -16.05
N ASN D 191 3.69 10.04 -15.85
CA ASN D 191 4.34 10.27 -14.58
C ASN D 191 5.25 11.48 -14.73
N TYR D 192 4.94 12.56 -13.97
CA TYR D 192 5.66 13.83 -13.98
C TYR D 192 7.16 13.68 -13.74
N GLU D 193 7.55 12.94 -12.72
CA GLU D 193 8.95 12.76 -12.35
C GLU D 193 9.75 11.97 -13.39
N THR D 194 9.10 10.99 -14.10
CA THR D 194 9.70 10.17 -15.17
C THR D 194 10.08 11.12 -16.32
N LEU D 195 9.17 12.07 -16.62
CA LEU D 195 9.35 13.06 -17.67
C LEU D 195 10.39 14.14 -17.28
N GLN D 196 10.37 14.55 -16.00
CA GLN D 196 11.25 15.54 -15.37
C GLN D 196 12.69 15.04 -15.36
N GLN D 197 12.87 13.74 -15.08
CA GLN D 197 14.17 13.08 -15.03
C GLN D 197 14.88 13.09 -16.35
N ARG D 198 14.17 12.80 -17.46
CA ARG D 198 14.76 12.79 -18.79
C ARG D 198 14.76 14.21 -19.40
N ILE D 199 13.70 15.03 -19.18
CA ILE D 199 13.66 16.41 -19.70
C ILE D 199 14.86 17.20 -19.12
N ARG D 200 15.16 17.05 -17.80
CA ARG D 200 16.29 17.70 -17.15
C ARG D 200 17.57 17.24 -17.80
N GLU D 201 17.68 15.93 -18.11
CA GLU D 201 18.86 15.35 -18.77
C GLU D 201 19.08 15.90 -20.19
N LEU D 202 18.06 15.90 -21.01
CA LEU D 202 18.14 16.40 -22.35
C LEU D 202 18.57 17.82 -22.39
N ALA D 203 18.07 18.60 -21.47
CA ALA D 203 18.41 19.98 -21.30
C ALA D 203 19.84 20.20 -20.92
N PHE D 204 20.32 19.37 -20.02
CA PHE D 204 21.69 19.37 -19.61
C PHE D 204 22.60 18.97 -20.74
N LEU D 205 22.22 17.93 -21.47
CA LEU D 205 23.01 17.40 -22.57
C LEU D 205 23.18 18.34 -23.72
N ASN D 206 22.12 19.08 -24.01
CA ASN D 206 22.14 20.06 -25.06
C ASN D 206 22.04 21.40 -24.43
N LYS D 207 23.11 22.17 -24.44
CA LYS D 207 23.15 23.43 -23.71
C LYS D 207 22.58 24.57 -24.48
N GLY D 208 21.95 25.48 -23.77
CA GLY D 208 21.30 26.62 -24.41
C GLY D 208 19.87 26.44 -24.90
N ILE D 209 19.34 25.23 -24.88
CA ILE D 209 17.96 25.00 -25.24
C ILE D 209 17.05 25.02 -24.03
N GLN D 210 16.07 25.91 -24.04
CA GLN D 210 15.10 26.02 -22.96
C GLN D 210 14.04 24.92 -23.12
N ILE D 211 13.91 24.01 -22.12
CA ILE D 211 12.92 22.93 -22.10
C ILE D 211 12.08 23.06 -20.83
N THR D 212 10.74 23.19 -21.00
CA THR D 212 9.75 23.35 -19.92
C THR D 212 8.76 22.22 -19.87
N LEU D 213 8.61 21.62 -18.69
CA LEU D 213 7.65 20.55 -18.45
C LEU D 213 6.54 21.12 -17.58
N ARG D 214 5.26 21.10 -18.06
CA ARG D 214 4.10 21.62 -17.30
C ARG D 214 2.96 20.58 -17.13
N ASP D 215 2.48 20.41 -15.89
CA ASP D 215 1.40 19.47 -15.57
C ASP D 215 0.12 20.24 -15.30
N GLU D 216 -0.72 20.33 -16.32
CA GLU D 216 -2.00 21.05 -16.28
C GLU D 216 -3.19 20.16 -15.92
N ARG D 217 -2.98 18.84 -15.80
CA ARG D 217 -4.04 17.89 -15.51
C ARG D 217 -4.92 18.39 -14.41
N ASP D 218 -4.32 18.83 -13.27
CA ASP D 218 -5.06 19.40 -12.14
C ASP D 218 -5.12 20.93 -12.29
N GLU D 219 -6.32 21.47 -12.54
CA GLU D 219 -6.51 22.91 -12.72
C GLU D 219 -6.30 23.69 -11.42
N GLU D 220 -6.42 23.03 -10.27
CA GLU D 220 -6.23 23.67 -8.95
C GLU D 220 -4.73 23.80 -8.63
N ASN D 221 -3.91 22.76 -8.94
CA ASN D 221 -2.45 22.71 -8.73
C ASN D 221 -1.69 22.54 -10.06
N VAL D 222 -0.97 23.58 -10.49
CA VAL D 222 -0.24 23.48 -11.73
C VAL D 222 1.25 23.53 -11.46
N ARG D 223 1.93 22.40 -11.73
CA ARG D 223 3.38 22.18 -11.57
C ARG D 223 4.10 22.56 -12.85
N GLU D 224 5.30 23.11 -12.75
CA GLU D 224 6.09 23.52 -13.90
C GLU D 224 7.55 23.52 -13.54
N ASP D 225 8.36 22.87 -14.36
CA ASP D 225 9.80 22.80 -14.17
C ASP D 225 10.42 23.28 -15.47
N SER D 226 11.19 24.37 -15.41
CA SER D 226 11.84 24.96 -16.57
C SER D 226 13.37 24.80 -16.53
N TYR D 227 13.92 24.04 -17.50
CA TYR D 227 15.36 23.74 -17.64
C TYR D 227 16.04 24.50 -18.83
N HIS D 228 17.05 25.33 -18.54
CA HIS D 228 17.81 26.08 -19.55
C HIS D 228 19.28 26.17 -19.15
N TYR D 229 20.04 25.14 -19.50
CA TYR D 229 21.47 25.05 -19.16
C TYR D 229 22.38 25.92 -20.03
N GLU D 230 22.81 27.07 -19.48
CA GLU D 230 23.75 27.95 -20.18
C GLU D 230 25.06 27.16 -20.17
N GLY D 231 25.33 26.47 -19.05
CA GLY D 231 26.49 25.62 -18.83
C GLY D 231 26.24 24.57 -17.76
C4 XAM E . 19.52 6.52 41.92
C5 XAM E . 18.47 5.81 42.75
C6 XAM E . 18.03 6.57 43.99
C3 XAM E . 20.92 6.32 42.49
CLW XAM E . 16.25 -3.33 33.33
CAS XAM E . 15.77 -4.36 32.05
CAT XAM E . 14.49 -4.31 31.44
CLX XAM E . 13.26 -3.24 32.00
CAU XAM E . 14.51 -5.26 30.41
CAY XAM E . 13.49 -5.60 29.37
NAV XAM E . 15.71 -5.88 30.42
CAR XAM E . 16.52 -5.35 31.40
CAP XAM E . 17.88 -5.89 31.59
OAQ XAM E . 18.25 -6.85 30.93
NAO XAM E . 18.64 -5.29 32.51
CAM XAM E . 20.14 -5.39 32.61
CAN XAM E . 20.77 -4.13 31.98
CCE XAM E . 20.56 -5.68 34.13
CCF XAM E . 20.16 -4.50 35.08
OCK XAM E . 19.79 -6.84 34.50
CCD XAM E . 22.12 -6.00 34.35
OCJ XAM E . 22.30 -7.26 33.72
CCC XAM E . 22.42 -6.13 35.84
CCI XAM E . 23.88 -6.42 36.11
OCH XAM E . 22.09 -4.90 36.52
CCG XAM E . 20.71 -4.54 36.49
OAL XAM E . 20.47 -3.29 37.13
CAC XAM E . 20.66 -3.28 38.58
CAB XAM E . 19.49 -4.05 39.19
CAA XAM E . 19.45 -3.91 40.71
CAF XAM E . 19.58 -2.45 41.09
CAK XAM E . 18.60 -1.77 41.65
CAE XAM E . 20.94 -1.89 40.67
CAD XAM E . 20.90 -1.80 39.12
CAG XAM E . 22.22 -1.27 38.63
CAH XAM E . 23.05 -0.49 39.34
CAI XAM E . 22.83 -0.04 40.76
CBC XAM E . 24.02 -0.38 41.64
CAJ XAM E . 21.46 -0.55 41.26
CAZ XAM E . 21.42 -0.51 42.83
OBB XAM E . 21.81 -1.57 43.56
CBA XAM E . 21.02 0.60 43.52
CBD XAM E . 20.66 1.86 42.88
OBH XAM E . 20.63 2.15 41.70
CBG XAM E . 20.89 0.79 44.97
OBI XAM E . 21.30 0.08 45.87
CBF XAM E . 20.23 2.19 45.23
CBJ XAM E . 18.74 2.07 45.64
CBL XAM E . 18.48 0.91 46.59
CBK XAM E . 18.19 3.38 46.21
NBE XAM E . 20.32 2.78 43.89
C1 XAM E . 20.24 4.25 43.62
C2 XAM E . 21.23 4.83 42.62
O2 XAM E . 22.62 4.59 42.84
CCL XAM E . 23.06 4.42 44.20
O5 XAM E . 18.91 4.50 43.17
O4 XAM E . 19.22 7.92 41.84
CBZ XAM E . 19.52 8.72 40.71
OCB XAM E . 18.80 9.65 40.40
NCA XAM E . 20.62 8.37 40.07
O3 XAM E . 21.00 6.93 43.80
CBW XAM E . 21.88 7.93 44.01
OBY XAM E . 22.40 8.56 43.11
CBX XAM E . 22.12 8.13 45.46
C4 XAM F . -17.49 -6.62 -2.53
C5 XAM F . -17.06 -5.64 -3.61
C6 XAM F . -17.37 -6.10 -5.02
C3 XAM F . -16.50 -7.77 -2.38
CLW XAM F . -14.07 3.02 6.00
CAS XAM F . -13.97 4.20 7.26
CAT XAM F . -14.83 5.35 7.36
CLX XAM F . -16.08 5.70 6.23
CAU XAM F . -14.43 6.03 8.50
CAY XAM F . -15.01 7.25 9.16
NAV XAM F . -13.38 5.37 9.05
CAR XAM F . -13.08 4.25 8.33
CAP XAM F . -11.99 3.37 8.81
OAQ XAM F . -11.32 3.72 9.78
NAO XAM F . -11.76 2.25 8.12
CAM XAM F . -10.83 1.11 8.48
CAN XAM F . -11.65 -0.03 9.11
CCE XAM F . -9.92 0.71 7.21
CCF XAM F . -10.74 0.22 5.99
OCK XAM F . -9.30 1.94 6.81
CCD XAM F . -8.76 -0.34 7.54
OCJ XAM F . -7.82 0.48 8.22
CCC XAM F . -8.07 -1.00 6.36
CCI XAM F . -7.27 -2.21 6.76
OCH XAM F . -9.05 -1.45 5.41
CCG XAM F . -9.94 -0.46 4.89
OAL XAM F . -10.83 -1.02 3.93
CAC XAM F . -10.20 -1.44 2.70
CAB XAM F . -10.01 -0.20 1.84
CAA XAM F . -9.80 -0.52 0.37
CAF XAM F . -10.73 -1.62 -0.07
CAK XAM F . -11.72 -1.42 -0.94
CAE XAM F . -10.44 -2.91 0.68
CAD XAM F . -11.02 -2.65 2.10
CAG XAM F . -10.95 -3.89 2.94
CAH XAM F . -10.90 -5.13 2.47
CAI XAM F . -10.88 -5.51 1.02
CBC XAM F . -9.70 -6.43 0.71
CAJ XAM F . -11.01 -4.25 0.13
CAZ XAM F . -10.53 -4.50 -1.33
OBB XAM F . -9.23 -4.32 -1.68
CBA XAM F . -11.40 -4.92 -2.31
CBD XAM F . -12.79 -5.22 -2.07
OBH XAM F . -13.44 -5.08 -1.04
CBG XAM F . -11.11 -5.17 -3.72
OBI XAM F . -10.03 -5.17 -4.29
CBF XAM F . -12.46 -5.52 -4.44
CBJ XAM F . -12.98 -4.43 -5.40
CBL XAM F . -11.85 -3.73 -6.18
CBK XAM F . -14.01 -4.97 -6.39
NBE XAM F . -13.36 -5.67 -3.28
C1 XAM F . -14.69 -6.38 -3.35
C2 XAM F . -15.08 -7.28 -2.18
O2 XAM F . -14.15 -8.37 -2.19
CCL XAM F . -13.52 -8.63 -0.93
O5 XAM F . -15.66 -5.35 -3.52
O4 XAM F . -18.82 -7.11 -2.82
CBZ XAM F . -19.47 -8.02 -2.00
OCB XAM F . -19.61 -9.17 -2.35
NCA XAM F . -19.89 -7.50 -0.85
O3 XAM F . -16.56 -8.63 -3.56
CBW XAM F . -16.60 -9.97 -3.36
OBY XAM F . -16.73 -10.48 -2.29
CBX XAM F . -16.46 -10.69 -4.66
C4 XAM G . -6.13 -28.99 -20.89
C5 XAM G . -4.79 -29.68 -21.11
C6 XAM G . -4.53 -30.11 -22.53
C3 XAM G . -7.29 -29.95 -20.69
CLW XAM G . -0.64 -27.59 -8.25
CAS XAM G . 0.00 -26.98 -6.78
CAT XAM G . 1.07 -26.08 -6.74
CLX XAM G . 1.80 -25.45 -8.15
CAU XAM G . 1.32 -25.84 -5.43
CAY XAM G . 2.32 -24.91 -4.78
NAV XAM G . 0.45 -26.56 -4.68
CAR XAM G . -0.39 -27.27 -5.50
CAP XAM G . -1.40 -28.19 -4.95
OAQ XAM G . -1.42 -28.45 -3.74
NAO XAM G . -2.22 -28.76 -5.84
CAM XAM G . -3.35 -29.72 -5.52
CAN XAM G . -4.75 -29.08 -5.79
CCE XAM G . -3.12 -31.09 -6.30
CCF XAM G . -3.30 -30.84 -7.82
OCK XAM G . -1.74 -31.41 -6.12
CCD XAM G . -4.02 -32.30 -5.71
OCJ XAM G . -3.25 -32.85 -4.64
CCC XAM G . -4.34 -33.39 -6.72
CCI XAM G . -5.47 -34.29 -6.27
OCH XAM G . -4.73 -32.81 -7.98
CCG XAM G . -3.67 -32.09 -8.58
OAL XAM G . -3.92 -31.75 -9.93
CAC XAM G . -3.62 -32.79 -10.90
CAB XAM G . -2.12 -33.04 -10.97
CAA XAM G . -1.79 -34.09 -12.03
CAF XAM G . -2.40 -33.72 -13.36
CAK XAM G . -1.66 -33.55 -14.44
CAE XAM G . -3.92 -33.54 -13.30
CAD XAM G . -4.27 -32.42 -12.27
CAG XAM G . -5.76 -32.26 -12.14
CAH XAM G . -6.65 -32.62 -13.05
CAI XAM G . -6.33 -33.28 -14.37
CBC XAM G . -7.05 -34.61 -14.50
CAJ XAM G . -4.79 -33.33 -14.59
CAZ XAM G . -4.47 -34.31 -15.77
OBB XAM G . -4.00 -35.56 -15.49
CBA XAM G . -4.63 -34.00 -17.13
CBD XAM G . -5.11 -32.73 -17.72
OBH XAM G . -5.48 -31.68 -17.17
CBG XAM G . -4.33 -34.92 -18.22
OBI XAM G . -3.97 -36.09 -18.15
CBF XAM G . -4.57 -34.17 -19.56
CBJ XAM G . -3.32 -34.10 -20.48
CBL XAM G . -2.06 -33.70 -19.71
CBK XAM G . -3.12 -35.40 -21.24
NBE XAM G . -5.09 -32.86 -19.16
C1 XAM G . -5.63 -31.84 -20.18
C2 XAM G . -6.97 -31.20 -19.86
O2 XAM G . -8.04 -32.16 -19.92
CCL XAM G . -7.94 -33.21 -20.91
O5 XAM G . -4.62 -30.82 -20.25
O4 XAM G . -6.43 -28.13 -22.02
CBZ XAM G . -6.82 -26.80 -21.91
OCB XAM G . -6.27 -25.95 -22.58
NCA XAM G . -7.81 -26.57 -21.05
O3 XAM G . -7.90 -30.32 -21.96
CBW XAM G . -9.23 -30.06 -22.13
OBY XAM G . -9.96 -29.69 -21.26
CBX XAM G . -9.63 -30.30 -23.55
C4 XAM H . 12.67 5.53 -44.36
C5 XAM H . 11.34 5.63 -45.11
C6 XAM H . 11.17 4.59 -46.21
C3 XAM H . 13.82 6.18 -45.14
CLW XAM H . 9.41 16.87 -37.10
CAS XAM H . 9.03 17.93 -35.82
CAT XAM H . 8.05 17.66 -34.79
CLX XAM H . 7.15 16.19 -34.68
CAU XAM H . 8.04 18.77 -33.98
CAY XAM H . 7.30 19.02 -32.71
NAV XAM H . 8.93 19.67 -34.47
CAR XAM H . 9.56 19.18 -35.58
CAP XAM H . 10.54 19.98 -36.35
OAQ XAM H . 10.69 21.17 -36.10
NAO XAM H . 11.15 19.34 -37.36
CAM XAM H . 12.31 19.85 -38.17
CAN XAM H . 13.61 19.09 -37.80
CCE XAM H . 11.97 19.86 -39.73
CCF XAM H . 11.65 18.40 -40.18
OCK XAM H . 10.75 20.59 -39.84
CCD XAM H . 13.10 20.57 -40.67
OCJ XAM H . 12.68 21.92 -40.76
CCC XAM H . 13.28 20.02 -42.09
CCI XAM H . 14.62 20.35 -42.68
OCH XAM H . 13.16 18.58 -42.08
CCG XAM H . 11.88 18.13 -41.64
OAL XAM H . 11.64 16.77 -41.91
CAC XAM H . 11.25 16.48 -43.28
CAB XAM H . 9.73 16.51 -43.32
CAA XAM H . 9.20 15.97 -44.65
CAF XAM H . 9.74 14.60 -44.92
CAK XAM H . 8.95 13.56 -45.09
CAE XAM H . 11.28 14.55 -44.95
CAD XAM H . 11.84 15.10 -43.61
CAG XAM H . 13.35 15.11 -43.64
CAH XAM H . 14.08 14.23 -44.32
CAI XAM H . 13.54 13.11 -45.16
CBC XAM H . 14.32 12.99 -46.46
CAJ XAM H . 11.98 13.20 -45.28
CAZ XAM H . 11.47 12.62 -46.63
OBB XAM H . 11.10 13.49 -47.59
CBA XAM H . 11.37 11.28 -46.95
CBD XAM H . 11.83 10.14 -46.13
OBH XAM H . 12.31 10.13 -45.00
CBG XAM H . 10.85 10.76 -48.21
OBI XAM H . 10.46 11.38 -49.18
CBF XAM H . 10.93 9.21 -48.15
CBJ XAM H . 9.52 8.65 -48.40
CBL XAM H . 9.56 7.24 -48.98
CBK XAM H . 8.66 8.69 -47.14
NBE XAM H . 11.62 8.93 -46.88
C1 XAM H . 12.17 7.54 -46.48
C2 XAM H . 13.48 7.54 -45.73
O2 XAM H . 14.57 8.09 -46.49
CCL XAM H . 14.53 7.93 -47.91
O5 XAM H . 11.15 6.93 -45.69
O4 XAM H . 12.99 4.13 -44.13
CBZ XAM H . 13.29 3.62 -42.87
OCB XAM H . 12.66 2.71 -42.41
NCA XAM H . 14.34 4.22 -42.28
O3 XAM H . 14.36 5.28 -46.13
CBW XAM H . 15.70 5.01 -46.11
OBY XAM H . 16.49 5.60 -45.44
CBX XAM H . 16.02 3.89 -47.04
#